data_8HGM
#
_entry.id   8HGM
#
_cell.length_a   1.00
_cell.length_b   1.00
_cell.length_c   1.00
_cell.angle_alpha   90.00
_cell.angle_beta   90.00
_cell.angle_gamma   90.00
#
_symmetry.space_group_name_H-M   'P 1'
#
loop_
_entity.id
_entity.type
_entity.pdbx_description
1 polymer 'Spike glycoprotein'
2 polymer 'NIV-11 Fab heavy chain'
3 polymer 'NIV-11 Fab light chain'
4 branched 2-acetamido-2-deoxy-beta-D-glucopyranose-(1-4)-2-acetamido-2-deoxy-beta-D-glucopyranose
#
loop_
_entity_poly.entity_id
_entity_poly.type
_entity_poly.pdbx_seq_one_letter_code
_entity_poly.pdbx_strand_id
1 'polypeptide(L)'
;MFVFLVLLPLVSSQCVNLTTRTQLPPAYTNSFTRGVYYPDKVFRSSVLHSTQDLFLPFFSNVTWFHAIHVSGTNGTKRFD
NPVLPFNDGVYFASTEKSNIIRGWIFGTTLDSKTQSLLIVNNATNVVIKVCEFQFCNDPFLGVYYHKNNKSWMESEFRVY
SSANNCTFEYVSQPFLMDLEGKQGNFKNLREFVFKNIDGYFKIYSKHTPINLVRDLPQGFSALEPLVDLPIGINITRFQT
LLALHRSYLTPGDSSSGWTAGAAAYYVGYLQPRTFLLKYNENGTITDAVDCALDPLSETKCTLKSFTVEKGIYQTSNFRV
QPTESIVRFPNITNLCPFGEVFNATRFASVYAWNRKRISNCVADYSVLYNSASFSTFKCYGVSPTKLNDLCFTNVYADSF
VIRGDEVRQIAPGQTGKIADYNYKLPDDFTGCVIAWNSNNLDSKVGGNYNYLYRLFRKSNLKPFERDISTEIYQAGSTPC
NGVEGFNCYFPLQSYGFQPTNGVGYQPYRVVVLSFELLHAPATVCGPKKSTNLVKNKCVNFNFNGLTGTGVLTESNKKFL
PFQQFGRDIADTTDAVRDPQTLEILDITPCSFGGVSVITPGTNTSNQVAVLYQDVNCTEVPVAIHADQLTPTWRVYSTGS
NVFQTRAGCLIGAEHVNNSYECDIPIGAGICASYQTQTNSPGSASSVASQSIIAYTMSLGAENSVAYSNNSIAIPTNFTI
SVTTEILPVSMTKTSVDCTMYICGDSTECSNLLLQYGSFCTQLNRALTGIAVEQDKNTQEVFAQVKQIYKTPPIKDFGGF
NFSQILPDPSKPSKRSPIEDLLFNKVTLADAGFIKQYGDCLGDIAARDLICAQKFNGLTVLPPLLTDEMIAQYTSALLAG
TITSGWTFGAGPALQIPFPMQMAYRFNGIGVTQNVLYENQKLIANQFNSAIGKIQDSLSSTPSALGKLQDVVNQNAQALN
TLVKQLSSNFGAISSVLNDILSRLDPPEAEVQIDRLITGRLQSLQTYVTQQLIRAAEIRASANLAATKMSECVLGQSKRV
DFCGKGYHLMSFPQSAPHGVVFLHVTYVPAQEKNFTTAPAICHDGKAHFPREGVFVSNGTHWFVTQRNFYEPQIITTDNT
FVSGNCDVVIGIVNNTVYDPLQPELDSFKEELDKYFKNHTSPDVDLGDISGINASVVNIQKEIDRLNEVAKNLNESLIDL
QELGKYEQGSGYIPEAPRDGQAYVRKDGEWVLLSTFLGRSLEVLFQGPGHHHHHHHHSAWSHPQFEKGGGSGGGGSGGSA
WSHPQFEK
;
B
2 'polypeptide(L)'
;QLVQSGPEVKKPGTSVKVSCKASGFTFYYSAVQWVRQARGQRLEWLGWMAVGSGKANYAQKFQERLTLTRDMSTSTAYME
LSSLRSEDTAVYYCAAPNCTGGSCYDGFNLWGQGTVVTVSSASTKGPSVFPLAPSSKSTSGGTAALGCLVKDYFPEPVTV
SWNSGALTSGVHTFPAVLQSSGLYSLSSVVTVPSSSLGTQTYICNVNHKPSNTKVDKKVEPKS
;
C
3 'polypeptide(L)'
;EIVLTQSPGTLSLSPGDRAILSCRASQTVNSNYLAWYQQKPGQAPRLLIYGTSSRATGIPDRFSGSGSGTDFTLTISRLE
PEDFAVYYCQQYGSSPWLFGQGTKVEIKRTVAAPSVFIFPPSDEQLKSGTASVVCLLNNFYPREAKVQWKVDNALQSGNS
QESVTEQDSKDSTYSLSSTLTLSKADYEKHKVYACEVTHQGLSSPVTKSFNRGEC
;
D
#
loop_
_chem_comp.id
_chem_comp.type
_chem_comp.name
_chem_comp.formula
NAG D-saccharide, beta linking 2-acetamido-2-deoxy-beta-D-glucopyranose 'C8 H15 N O6'
#
# COMPACT_ATOMS: atom_id res chain seq x y z
N ASN A 334 -25.12 -39.52 50.13
CA ASN A 334 -25.49 -38.71 48.98
C ASN A 334 -24.67 -37.42 48.92
N LEU A 335 -23.86 -37.29 47.87
CA LEU A 335 -22.99 -36.14 47.70
C LEU A 335 -23.18 -35.53 46.32
N CYS A 336 -22.91 -34.24 46.22
CA CYS A 336 -23.03 -33.55 44.95
C CYS A 336 -22.00 -34.08 43.95
N PRO A 337 -22.34 -34.15 42.67
CA PRO A 337 -21.42 -34.69 41.65
C PRO A 337 -20.49 -33.63 41.07
N PHE A 338 -19.54 -33.18 41.88
CA PHE A 338 -18.54 -32.23 41.38
C PHE A 338 -17.48 -32.93 40.53
N GLY A 339 -17.18 -34.19 40.83
CA GLY A 339 -16.13 -34.88 40.12
C GLY A 339 -16.43 -35.04 38.64
N GLU A 340 -17.68 -35.33 38.30
CA GLU A 340 -18.05 -35.47 36.90
C GLU A 340 -17.89 -34.16 36.14
N VAL A 341 -18.13 -33.02 36.80
CA VAL A 341 -17.92 -31.74 36.16
C VAL A 341 -16.43 -31.46 35.99
N PHE A 342 -15.64 -31.70 37.04
CA PHE A 342 -14.24 -31.29 37.01
C PHE A 342 -13.33 -32.30 36.32
N ASN A 343 -13.83 -33.47 35.96
CA ASN A 343 -13.03 -34.50 35.29
C ASN A 343 -13.66 -34.92 33.97
N ALA A 344 -14.42 -34.04 33.34
CA ALA A 344 -15.09 -34.38 32.10
C ALA A 344 -14.07 -34.61 30.98
N THR A 345 -14.41 -35.53 30.08
CA THR A 345 -13.50 -35.83 28.98
C THR A 345 -13.36 -34.65 28.03
N ARG A 346 -14.45 -33.94 27.76
CA ARG A 346 -14.45 -32.85 26.80
C ARG A 346 -15.03 -31.60 27.45
N PHE A 347 -14.66 -30.45 26.87
CA PHE A 347 -15.15 -29.16 27.33
C PHE A 347 -15.73 -28.40 26.13
N ALA A 348 -16.75 -27.59 26.40
CA ALA A 348 -17.41 -26.86 25.35
C ALA A 348 -16.59 -25.64 24.93
N SER A 349 -16.96 -25.05 23.80
CA SER A 349 -16.33 -23.84 23.33
C SER A 349 -16.78 -22.65 24.18
N VAL A 350 -15.99 -21.58 24.14
CA VAL A 350 -16.31 -20.41 24.94
C VAL A 350 -17.59 -19.75 24.46
N TYR A 351 -17.87 -19.81 23.15
CA TYR A 351 -19.10 -19.20 22.64
C TYR A 351 -20.32 -20.09 22.86
N ALA A 352 -20.13 -21.33 23.31
CA ALA A 352 -21.24 -22.25 23.57
C ALA A 352 -21.01 -22.98 24.88
N TRP A 353 -20.53 -22.25 25.89
CA TRP A 353 -20.30 -22.81 27.22
C TRP A 353 -21.54 -23.53 27.74
N ASN A 354 -21.32 -24.56 28.54
CA ASN A 354 -22.37 -25.42 29.04
C ASN A 354 -22.72 -25.08 30.48
N ARG A 355 -23.98 -25.32 30.83
CA ARG A 355 -24.50 -25.01 32.16
C ARG A 355 -25.13 -26.26 32.77
N LYS A 356 -24.94 -26.42 34.07
CA LYS A 356 -25.47 -27.60 34.78
C LYS A 356 -25.83 -27.17 36.20
N ARG A 357 -27.12 -27.19 36.52
CA ARG A 357 -27.55 -26.83 37.86
C ARG A 357 -27.43 -28.02 38.80
N ILE A 358 -27.18 -27.71 40.08
CA ILE A 358 -26.91 -28.72 41.10
C ILE A 358 -27.80 -28.42 42.30
N SER A 359 -28.52 -29.44 42.76
CA SER A 359 -29.46 -29.25 43.86
C SER A 359 -29.71 -30.56 44.57
N ASN A 360 -30.29 -30.46 45.77
CA ASN A 360 -30.68 -31.61 46.58
C ASN A 360 -29.50 -32.56 46.82
N CYS A 361 -28.40 -32.01 47.33
CA CYS A 361 -27.24 -32.84 47.60
C CYS A 361 -26.38 -32.18 48.66
N VAL A 362 -25.51 -32.99 49.25
CA VAL A 362 -24.54 -32.52 50.24
C VAL A 362 -23.21 -32.30 49.53
N ALA A 363 -22.66 -31.10 49.65
CA ALA A 363 -21.46 -30.71 48.94
C ALA A 363 -20.28 -30.65 49.88
N ASP A 364 -19.08 -30.60 49.28
CA ASP A 364 -17.84 -30.44 50.02
C ASP A 364 -16.90 -29.59 49.20
N TYR A 365 -16.54 -28.42 49.71
CA TYR A 365 -15.67 -27.50 48.99
C TYR A 365 -14.22 -27.54 49.44
N SER A 366 -13.94 -27.93 50.69
CA SER A 366 -12.57 -27.93 51.16
C SER A 366 -11.72 -28.99 50.48
N VAL A 367 -12.33 -30.13 50.10
CA VAL A 367 -11.61 -31.14 49.35
C VAL A 367 -11.17 -30.58 48.00
N LEU A 368 -12.04 -29.81 47.36
CA LEU A 368 -11.67 -29.12 46.13
C LEU A 368 -10.58 -28.08 46.39
N TYR A 369 -10.72 -27.32 47.47
CA TYR A 369 -9.78 -26.24 47.75
C TYR A 369 -8.37 -26.76 47.97
N ASN A 370 -8.22 -27.84 48.73
CA ASN A 370 -6.91 -28.34 49.10
C ASN A 370 -6.29 -29.21 48.02
N SER A 371 -6.75 -29.10 46.77
CA SER A 371 -6.19 -29.92 45.71
C SER A 371 -4.74 -29.55 45.40
N ALA A 372 -4.37 -28.29 45.59
CA ALA A 372 -3.01 -27.81 45.32
C ALA A 372 -2.61 -28.05 43.87
N SER A 373 -3.59 -28.06 42.97
CA SER A 373 -3.33 -28.22 41.55
C SER A 373 -3.94 -27.14 40.68
N PHE A 374 -4.95 -26.44 41.16
CA PHE A 374 -5.51 -25.32 40.41
C PHE A 374 -4.53 -24.15 40.40
N SER A 375 -4.72 -23.25 39.44
CA SER A 375 -3.88 -22.08 39.31
C SER A 375 -4.47 -20.86 40.01
N THR A 376 -5.75 -20.59 39.77
CA THR A 376 -6.42 -19.43 40.35
C THR A 376 -7.67 -19.87 41.08
N PHE A 377 -7.95 -19.25 42.22
CA PHE A 377 -9.15 -19.54 43.00
C PHE A 377 -9.56 -18.24 43.69
N LYS A 378 -10.42 -17.47 43.01
CA LYS A 378 -10.89 -16.20 43.54
C LYS A 378 -12.38 -16.28 43.76
N CYS A 379 -12.82 -15.89 44.96
CA CYS A 379 -14.22 -15.96 45.34
C CYS A 379 -14.68 -14.57 45.74
N TYR A 380 -15.42 -13.91 44.86
CA TYR A 380 -15.87 -12.54 45.10
C TYR A 380 -17.07 -12.57 46.02
N GLY A 381 -16.89 -12.10 47.26
CA GLY A 381 -17.98 -11.94 48.19
C GLY A 381 -18.11 -13.01 49.24
N VAL A 382 -17.46 -14.16 49.08
CA VAL A 382 -17.53 -15.24 50.05
C VAL A 382 -16.13 -15.77 50.28
N SER A 383 -15.80 -16.03 51.54
CA SER A 383 -14.48 -16.54 51.87
C SER A 383 -14.41 -18.03 51.53
N PRO A 384 -13.42 -18.46 50.74
CA PRO A 384 -13.33 -19.88 50.38
C PRO A 384 -13.17 -20.81 51.57
N THR A 385 -12.54 -20.35 52.65
CA THR A 385 -12.36 -21.19 53.83
C THR A 385 -13.66 -21.38 54.60
N LYS A 386 -14.62 -20.47 54.46
CA LYS A 386 -15.87 -20.55 55.18
C LYS A 386 -17.05 -20.89 54.28
N LEU A 387 -16.79 -21.53 53.13
CA LEU A 387 -17.89 -21.94 52.27
C LEU A 387 -18.68 -23.08 52.89
N ASN A 388 -18.01 -23.98 53.62
CA ASN A 388 -18.69 -25.12 54.19
C ASN A 388 -19.75 -24.71 55.20
N ASP A 389 -19.55 -23.59 55.88
CA ASP A 389 -20.47 -23.12 56.90
C ASP A 389 -21.47 -22.11 56.33
N LEU A 390 -22.14 -22.47 55.23
CA LEU A 390 -23.08 -21.56 54.60
C LEU A 390 -23.98 -22.39 53.70
N CYS A 391 -25.20 -21.90 53.47
CA CYS A 391 -26.19 -22.70 52.76
C CYS A 391 -26.92 -21.84 51.73
N PHE A 392 -27.18 -22.43 50.56
CA PHE A 392 -27.86 -21.74 49.47
C PHE A 392 -29.03 -22.57 48.95
N THR A 393 -29.64 -22.15 47.84
CA THR A 393 -30.78 -22.87 47.29
C THR A 393 -30.43 -23.75 46.08
N ASN A 394 -29.54 -23.30 45.20
CA ASN A 394 -29.05 -24.09 44.09
C ASN A 394 -27.88 -23.36 43.44
N VAL A 395 -26.95 -24.14 42.90
CA VAL A 395 -25.74 -23.57 42.31
C VAL A 395 -25.69 -23.92 40.83
N TYR A 396 -24.89 -23.15 40.10
CA TYR A 396 -24.70 -23.35 38.67
C TYR A 396 -23.22 -23.56 38.39
N ALA A 397 -22.93 -24.39 37.40
CA ALA A 397 -21.56 -24.69 36.99
C ALA A 397 -21.42 -24.43 35.51
N ASP A 398 -20.52 -23.53 35.14
CA ASP A 398 -20.25 -23.18 33.76
C ASP A 398 -18.79 -23.46 33.43
N SER A 399 -18.55 -24.06 32.27
CA SER A 399 -17.20 -24.45 31.89
C SER A 399 -16.97 -24.17 30.42
N PHE A 400 -15.71 -23.91 30.08
CA PHE A 400 -15.28 -23.66 28.70
C PHE A 400 -13.76 -23.69 28.67
N VAL A 401 -13.20 -23.36 27.50
CA VAL A 401 -11.76 -23.34 27.30
C VAL A 401 -11.39 -22.00 26.66
N ILE A 402 -10.39 -21.33 27.24
CA ILE A 402 -9.90 -20.05 26.73
C ILE A 402 -8.38 -20.03 26.77
N ARG A 403 -7.81 -19.04 26.10
CA ARG A 403 -6.36 -18.87 26.05
C ARG A 403 -5.83 -18.43 27.41
N GLY A 404 -4.57 -18.77 27.67
CA GLY A 404 -3.99 -18.50 28.98
C GLY A 404 -3.95 -17.03 29.34
N ASP A 405 -3.54 -16.18 28.39
CA ASP A 405 -3.50 -14.75 28.65
C ASP A 405 -4.89 -14.15 28.81
N GLU A 406 -5.92 -14.91 28.46
CA GLU A 406 -7.28 -14.40 28.40
C GLU A 406 -8.04 -14.57 29.71
N VAL A 407 -7.45 -15.27 30.69
CA VAL A 407 -8.17 -15.60 31.91
C VAL A 407 -8.49 -14.35 32.72
N ARG A 408 -7.74 -13.27 32.53
CA ARG A 408 -7.92 -12.08 33.36
C ARG A 408 -9.23 -11.35 33.10
N GLN A 409 -9.93 -11.65 32.00
CA GLN A 409 -11.18 -10.97 31.70
C GLN A 409 -12.39 -11.60 32.38
N ILE A 410 -12.23 -12.75 33.03
CA ILE A 410 -13.34 -13.41 33.72
C ILE A 410 -13.35 -12.84 35.13
N ALA A 411 -14.01 -11.70 35.28
CA ALA A 411 -14.12 -10.99 36.55
C ALA A 411 -15.19 -9.92 36.45
N PRO A 412 -15.83 -9.53 37.55
CA PRO A 412 -16.82 -8.47 37.48
C PRO A 412 -16.21 -7.16 37.02
N GLY A 413 -16.95 -6.40 36.22
CA GLY A 413 -16.51 -5.09 35.78
C GLY A 413 -15.28 -5.07 34.91
N GLN A 414 -15.11 -6.06 34.04
CA GLN A 414 -13.98 -6.11 33.14
C GLN A 414 -14.41 -5.74 31.71
N THR A 415 -13.42 -5.30 30.93
CA THR A 415 -13.64 -4.86 29.56
C THR A 415 -12.69 -5.59 28.63
N GLY A 416 -13.23 -6.14 27.55
CA GLY A 416 -12.45 -6.89 26.60
C GLY A 416 -13.36 -7.58 25.61
N LYS A 417 -12.75 -8.12 24.56
CA LYS A 417 -13.54 -8.77 23.52
C LYS A 417 -14.30 -9.97 24.06
N ILE A 418 -13.69 -10.75 24.97
CA ILE A 418 -14.36 -11.90 25.54
C ILE A 418 -15.55 -11.46 26.39
N ALA A 419 -15.33 -10.47 27.26
CA ALA A 419 -16.42 -9.99 28.11
C ALA A 419 -17.54 -9.39 27.28
N ASP A 420 -17.20 -8.78 26.15
CA ASP A 420 -18.21 -8.15 25.31
C ASP A 420 -19.02 -9.17 24.50
N TYR A 421 -18.36 -10.18 23.94
CA TYR A 421 -19.01 -11.01 22.93
C TYR A 421 -19.24 -12.46 23.31
N ASN A 422 -18.58 -12.99 24.34
CA ASN A 422 -18.68 -14.41 24.62
C ASN A 422 -19.24 -14.73 25.99
N TYR A 423 -18.72 -14.12 27.04
CA TYR A 423 -19.14 -14.46 28.40
C TYR A 423 -18.97 -13.23 29.29
N LYS A 424 -20.06 -12.69 29.80
CA LYS A 424 -20.02 -11.51 30.65
C LYS A 424 -20.59 -11.83 32.02
N LEU A 425 -19.89 -11.37 33.05
CA LEU A 425 -20.29 -11.55 34.45
C LEU A 425 -20.94 -10.29 34.98
N PRO A 426 -21.98 -10.42 35.80
CA PRO A 426 -22.63 -9.23 36.37
C PRO A 426 -21.74 -8.56 37.40
N ASP A 427 -22.06 -7.29 37.65
CA ASP A 427 -21.26 -6.50 38.59
C ASP A 427 -21.34 -7.05 40.01
N ASP A 428 -22.53 -7.48 40.43
CA ASP A 428 -22.74 -8.01 41.76
C ASP A 428 -22.53 -9.52 41.82
N PHE A 429 -21.68 -10.07 40.96
CA PHE A 429 -21.46 -11.51 40.92
C PHE A 429 -20.97 -12.04 42.25
N THR A 430 -21.57 -13.13 42.69
CA THR A 430 -21.12 -13.87 43.87
C THR A 430 -20.81 -15.30 43.45
N GLY A 431 -19.67 -15.80 43.87
CA GLY A 431 -19.24 -17.13 43.47
C GLY A 431 -17.73 -17.15 43.33
N CYS A 432 -17.25 -18.21 42.67
CA CYS A 432 -15.82 -18.44 42.52
C CYS A 432 -15.50 -18.78 41.08
N VAL A 433 -14.27 -18.47 40.68
CA VAL A 433 -13.76 -18.77 39.35
C VAL A 433 -12.48 -19.58 39.50
N ILE A 434 -12.39 -20.68 38.73
CA ILE A 434 -11.28 -21.62 38.83
C ILE A 434 -10.76 -21.91 37.43
N ALA A 435 -9.44 -22.00 37.31
CA ALA A 435 -8.82 -22.26 36.02
C ALA A 435 -7.45 -22.90 36.22
N TRP A 436 -7.15 -23.91 35.41
CA TRP A 436 -5.85 -24.57 35.48
C TRP A 436 -5.40 -24.97 34.09
N ASN A 437 -4.10 -25.11 33.92
CA ASN A 437 -3.52 -25.43 32.62
C ASN A 437 -3.92 -26.83 32.18
N SER A 438 -4.09 -27.00 30.88
CA SER A 438 -4.50 -28.29 30.31
C SER A 438 -3.71 -28.58 29.03
N ASN A 439 -2.40 -28.35 29.09
CA ASN A 439 -1.57 -28.56 27.91
C ASN A 439 -1.59 -30.00 27.43
N ASN A 440 -1.26 -30.93 28.32
CA ASN A 440 -1.10 -32.33 27.93
C ASN A 440 -2.40 -32.98 27.51
N LEU A 441 -3.54 -32.34 27.77
CA LEU A 441 -4.83 -32.90 27.37
C LEU A 441 -5.47 -32.17 26.21
N ASP A 442 -5.14 -30.90 25.98
CA ASP A 442 -5.79 -30.12 24.93
C ASP A 442 -4.88 -29.73 23.78
N SER A 443 -3.57 -29.93 23.88
CA SER A 443 -2.65 -29.57 22.82
C SER A 443 -2.11 -30.83 22.16
N LYS A 444 -2.12 -30.85 20.83
CA LYS A 444 -1.56 -31.96 20.06
C LYS A 444 -0.69 -31.39 18.95
N VAL A 445 0.05 -32.29 18.30
CA VAL A 445 0.84 -31.90 17.14
C VAL A 445 -0.08 -31.64 15.96
N GLY A 446 0.11 -30.49 15.31
CA GLY A 446 -0.73 -30.08 14.21
C GLY A 446 -1.87 -29.15 14.59
N GLY A 447 -2.18 -29.04 15.89
CA GLY A 447 -3.17 -28.10 16.34
C GLY A 447 -4.57 -28.68 16.52
N ASN A 448 -5.28 -28.20 17.53
CA ASN A 448 -6.67 -28.56 17.76
C ASN A 448 -7.55 -27.39 17.34
N TYR A 449 -8.46 -27.63 16.42
CA TYR A 449 -9.33 -26.60 15.87
C TYR A 449 -10.79 -26.84 16.25
N ASN A 450 -11.03 -27.51 17.37
CA ASN A 450 -12.38 -27.78 17.84
C ASN A 450 -12.89 -26.72 18.81
N TYR A 451 -12.11 -25.69 19.09
CA TYR A 451 -12.52 -24.61 19.98
C TYR A 451 -12.58 -23.32 19.19
N LEU A 452 -13.70 -22.60 19.31
CA LEU A 452 -13.94 -21.39 18.54
C LEU A 452 -14.39 -20.27 19.46
N TYR A 453 -14.16 -19.04 19.03
CA TYR A 453 -14.57 -17.87 19.79
C TYR A 453 -15.11 -16.81 18.85
N ARG A 454 -16.17 -16.14 19.28
CA ARG A 454 -16.81 -15.13 18.44
C ARG A 454 -15.92 -13.92 18.28
N LEU A 455 -16.01 -13.28 17.12
CA LEU A 455 -15.19 -12.12 16.77
C LEU A 455 -15.97 -10.81 16.80
N PHE A 456 -17.16 -10.78 16.20
CA PHE A 456 -17.94 -9.56 16.10
C PHE A 456 -19.36 -9.80 16.60
N ARG A 457 -19.97 -8.75 17.11
CA ARG A 457 -21.38 -8.78 17.47
C ARG A 457 -21.94 -7.37 17.35
N LYS A 458 -23.22 -7.29 17.00
CA LYS A 458 -23.85 -5.98 16.81
C LYS A 458 -23.93 -5.21 18.12
N SER A 459 -24.19 -5.89 19.23
CA SER A 459 -24.34 -5.24 20.52
C SER A 459 -23.65 -6.04 21.60
N ASN A 460 -23.36 -5.38 22.71
CA ASN A 460 -22.73 -6.03 23.85
C ASN A 460 -23.67 -7.06 24.47
N LEU A 461 -23.08 -8.06 25.09
CA LEU A 461 -23.86 -9.08 25.79
C LEU A 461 -24.31 -8.58 27.15
N LYS A 462 -25.57 -8.86 27.49
CA LYS A 462 -26.00 -8.76 28.86
C LYS A 462 -25.45 -9.94 29.65
N PRO A 463 -25.44 -9.85 30.98
CA PRO A 463 -24.91 -10.97 31.77
C PRO A 463 -25.67 -12.26 31.54
N PHE A 464 -24.92 -13.36 31.44
CA PHE A 464 -25.44 -14.73 31.46
C PHE A 464 -26.45 -14.98 30.32
N GLU A 465 -25.94 -14.93 29.09
CA GLU A 465 -26.69 -15.47 27.96
C GLU A 465 -25.72 -15.99 26.91
N ARG A 466 -26.26 -16.82 26.01
CA ARG A 466 -25.48 -17.47 24.97
C ARG A 466 -25.93 -16.98 23.60
N ASP A 467 -25.05 -17.12 22.61
CA ASP A 467 -25.36 -16.75 21.24
C ASP A 467 -24.76 -17.81 20.31
N ILE A 468 -25.60 -18.75 19.86
CA ILE A 468 -25.14 -19.82 18.99
C ILE A 468 -25.37 -19.50 17.52
N SER A 469 -25.89 -18.32 17.20
CA SER A 469 -26.12 -17.95 15.81
C SER A 469 -24.80 -17.77 15.08
N THR A 470 -24.79 -18.12 13.80
CA THR A 470 -23.59 -18.00 12.96
C THR A 470 -23.89 -17.23 11.67
N GLU A 471 -24.85 -16.30 11.73
CA GLU A 471 -25.19 -15.53 10.54
C GLU A 471 -24.07 -14.57 10.19
N ILE A 472 -23.90 -14.33 8.89
CA ILE A 472 -22.80 -13.50 8.41
C ILE A 472 -22.93 -12.09 8.95
N TYR A 473 -21.83 -11.55 9.47
CA TYR A 473 -21.82 -10.18 9.98
C TYR A 473 -21.89 -9.18 8.84
N GLN A 474 -22.40 -8.00 9.14
CA GLN A 474 -22.58 -6.93 8.15
C GLN A 474 -21.88 -5.68 8.68
N ALA A 475 -20.61 -5.53 8.32
CA ALA A 475 -19.83 -4.39 8.81
C ALA A 475 -20.25 -3.10 8.12
N GLY A 476 -20.50 -3.16 6.80
CA GLY A 476 -20.84 -1.99 6.04
C GLY A 476 -22.34 -1.71 6.06
N SER A 477 -22.75 -0.84 5.13
CA SER A 477 -24.15 -0.47 4.97
C SER A 477 -24.80 -1.13 3.77
N THR A 478 -24.32 -2.31 3.38
CA THR A 478 -24.84 -3.03 2.23
C THR A 478 -25.17 -4.46 2.64
N PRO A 479 -26.33 -5.00 2.25
CA PRO A 479 -26.67 -6.37 2.63
C PRO A 479 -25.66 -7.38 2.08
N CYS A 480 -25.33 -8.38 2.90
CA CYS A 480 -24.40 -9.42 2.47
C CYS A 480 -25.06 -10.41 1.54
N ASN A 481 -26.33 -10.72 1.76
CA ASN A 481 -27.09 -11.66 0.94
C ASN A 481 -26.46 -13.05 0.92
N GLY A 482 -25.80 -13.43 2.01
CA GLY A 482 -25.31 -14.78 2.19
C GLY A 482 -23.98 -15.10 1.57
N VAL A 483 -23.28 -14.13 1.01
CA VAL A 483 -21.96 -14.35 0.41
C VAL A 483 -20.92 -13.63 1.25
N GLU A 484 -19.81 -14.31 1.52
CA GLU A 484 -18.73 -13.76 2.33
C GLU A 484 -17.72 -13.06 1.44
N GLY A 485 -17.36 -11.83 1.80
CA GLY A 485 -16.39 -11.08 1.04
C GLY A 485 -15.99 -9.79 1.74
N PHE A 486 -15.88 -8.70 0.98
CA PHE A 486 -15.53 -7.41 1.57
C PHE A 486 -16.70 -6.91 2.41
N ASN A 487 -16.38 -6.49 3.63
CA ASN A 487 -17.37 -5.97 4.58
C ASN A 487 -18.47 -7.00 4.88
N CYS A 488 -18.13 -8.28 4.77
CA CYS A 488 -19.05 -9.36 5.12
C CYS A 488 -18.18 -10.51 5.64
N TYR A 489 -18.04 -10.60 6.96
CA TYR A 489 -17.11 -11.53 7.58
C TYR A 489 -17.86 -12.61 8.35
N PHE A 490 -17.31 -13.82 8.34
CA PHE A 490 -17.81 -14.88 9.19
C PHE A 490 -17.54 -14.51 10.66
N PRO A 491 -18.49 -14.78 11.56
CA PRO A 491 -18.32 -14.32 12.94
C PRO A 491 -17.34 -15.15 13.76
N LEU A 492 -17.10 -16.40 13.39
CA LEU A 492 -16.37 -17.34 14.23
C LEU A 492 -15.07 -17.77 13.58
N GLN A 493 -14.01 -17.84 14.39
CA GLN A 493 -12.78 -18.50 13.99
C GLN A 493 -12.32 -19.38 15.15
N SER A 494 -11.34 -20.23 14.86
CA SER A 494 -10.87 -21.22 15.82
C SER A 494 -9.50 -20.85 16.38
N TYR A 495 -9.28 -21.24 17.63
CA TYR A 495 -7.96 -21.15 18.23
C TYR A 495 -6.99 -22.11 17.55
N GLY A 496 -5.70 -21.79 17.62
CA GLY A 496 -4.68 -22.70 17.20
C GLY A 496 -3.74 -23.03 18.34
N PHE A 497 -3.76 -24.27 18.82
CA PHE A 497 -3.00 -24.69 19.98
C PHE A 497 -1.85 -25.58 19.53
N GLN A 498 -0.63 -25.19 19.90
CA GLN A 498 0.55 -25.97 19.55
C GLN A 498 1.35 -26.26 20.82
N PRO A 499 1.94 -27.45 20.93
CA PRO A 499 2.74 -27.75 22.13
C PRO A 499 3.92 -26.81 22.31
N THR A 500 4.46 -26.28 21.23
CA THR A 500 5.60 -25.36 21.31
C THR A 500 5.17 -23.93 21.61
N ASN A 501 3.88 -23.66 21.73
CA ASN A 501 3.42 -22.31 21.99
C ASN A 501 3.85 -21.87 23.40
N GLY A 502 3.91 -20.55 23.58
CA GLY A 502 4.27 -20.00 24.87
C GLY A 502 3.19 -20.25 25.90
N VAL A 503 3.57 -20.04 27.17
CA VAL A 503 2.62 -20.20 28.25
C VAL A 503 1.49 -19.19 28.14
N GLY A 504 1.74 -18.06 27.48
CA GLY A 504 0.68 -17.09 27.27
C GLY A 504 -0.42 -17.60 26.36
N TYR A 505 -0.05 -18.34 25.32
CA TYR A 505 -1.02 -18.95 24.42
C TYR A 505 -1.45 -20.33 24.87
N GLN A 506 -1.01 -20.77 26.03
CA GLN A 506 -1.32 -22.12 26.49
C GLN A 506 -2.80 -22.23 26.84
N PRO A 507 -3.46 -23.32 26.43
CA PRO A 507 -4.88 -23.47 26.77
C PRO A 507 -5.11 -23.64 28.26
N TYR A 508 -6.24 -23.11 28.72
CA TYR A 508 -6.65 -23.22 30.12
C TYR A 508 -8.12 -23.60 30.17
N ARG A 509 -8.47 -24.42 31.16
CA ARG A 509 -9.85 -24.83 31.37
C ARG A 509 -10.44 -24.05 32.54
N VAL A 510 -11.57 -23.40 32.32
CA VAL A 510 -12.17 -22.49 33.29
C VAL A 510 -13.50 -23.06 33.74
N VAL A 511 -13.69 -23.13 35.06
CA VAL A 511 -14.95 -23.55 35.66
C VAL A 511 -15.41 -22.42 36.58
N VAL A 512 -16.65 -21.98 36.40
CA VAL A 512 -17.22 -20.87 37.16
C VAL A 512 -18.40 -21.40 37.96
N LEU A 513 -18.39 -21.14 39.27
CA LEU A 513 -19.48 -21.50 40.15
C LEU A 513 -20.17 -20.23 40.63
N SER A 514 -21.50 -20.22 40.56
CA SER A 514 -22.30 -19.09 41.02
C SER A 514 -23.38 -19.60 41.94
N PHE A 515 -23.46 -19.03 43.14
CA PHE A 515 -24.42 -19.46 44.15
C PHE A 515 -25.64 -18.56 44.12
N GLU A 516 -26.81 -19.18 44.14
CA GLU A 516 -28.08 -18.48 44.11
C GLU A 516 -28.73 -18.53 45.49
N LEU A 517 -29.55 -17.52 45.79
CA LEU A 517 -30.25 -17.44 47.06
C LEU A 517 -31.66 -16.95 46.78
N LEU A 518 -32.65 -17.78 47.08
CA LEU A 518 -34.04 -17.43 46.84
C LEU A 518 -34.92 -18.12 47.88
N HIS A 519 -36.12 -17.60 48.05
CA HIS A 519 -37.08 -18.21 48.96
C HIS A 519 -37.40 -19.62 48.48
N ALA A 520 -36.97 -20.62 49.25
CA ALA A 520 -37.04 -22.01 48.83
C ALA A 520 -36.69 -22.90 50.01
N PRO A 521 -36.78 -24.23 49.87
CA PRO A 521 -36.26 -25.11 50.92
C PRO A 521 -34.78 -24.88 51.22
N ALA A 522 -34.00 -24.38 50.26
CA ALA A 522 -32.58 -24.09 50.45
C ALA A 522 -31.82 -25.37 50.83
N THR A 523 -31.80 -26.30 49.88
CA THR A 523 -31.31 -27.64 50.16
C THR A 523 -29.79 -27.73 50.14
N VAL A 524 -29.16 -27.22 49.08
CA VAL A 524 -27.75 -27.50 48.85
C VAL A 524 -26.88 -26.77 49.87
N CYS A 525 -26.15 -27.53 50.69
CA CYS A 525 -25.12 -27.03 51.59
C CYS A 525 -24.48 -28.20 52.32
N GLY A 526 -23.21 -28.01 52.69
CA GLY A 526 -22.38 -29.10 53.15
C GLY A 526 -22.65 -29.48 54.58
N PRO A 527 -21.86 -30.43 55.08
CA PRO A 527 -22.00 -31.05 56.40
C PRO A 527 -21.30 -30.28 57.51
N GLN B 1 -5.16 7.65 9.86
CA GLN B 1 -4.00 7.93 9.01
C GLN B 1 -3.08 6.71 8.93
N LEU B 2 -2.47 6.50 7.76
CA LEU B 2 -1.61 5.35 7.52
C LEU B 2 -0.18 5.84 7.32
N VAL B 3 0.75 5.24 8.05
CA VAL B 3 2.17 5.59 7.97
C VAL B 3 2.96 4.33 7.67
N GLN B 4 3.87 4.42 6.70
CA GLN B 4 4.67 3.28 6.26
C GLN B 4 6.12 3.46 6.67
N SER B 5 6.91 2.43 6.41
CA SER B 5 8.34 2.47 6.68
C SER B 5 9.08 3.15 5.53
N GLY B 6 10.39 3.33 5.70
CA GLY B 6 11.18 4.05 4.73
C GLY B 6 11.62 3.17 3.58
N PRO B 7 12.27 3.80 2.61
CA PRO B 7 12.75 3.06 1.43
C PRO B 7 13.88 2.11 1.79
N GLU B 8 13.96 1.02 1.02
CA GLU B 8 14.98 0.00 1.23
C GLU B 8 15.52 -0.47 -0.11
N VAL B 9 16.80 -0.83 -0.12
CA VAL B 9 17.48 -1.31 -1.31
C VAL B 9 17.98 -2.73 -1.04
N LYS B 10 17.67 -3.65 -1.93
CA LYS B 10 18.01 -5.06 -1.74
C LYS B 10 18.77 -5.58 -2.94
N LYS B 11 19.31 -6.79 -2.78
CA LYS B 11 20.08 -7.69 -3.62
C LYS B 11 19.20 -8.80 -4.15
N PRO B 12 19.38 -9.22 -5.40
CA PRO B 12 18.52 -10.27 -5.96
C PRO B 12 18.60 -11.55 -5.16
N GLY B 13 17.45 -12.20 -5.01
CA GLY B 13 17.35 -13.45 -4.28
C GLY B 13 17.04 -13.31 -2.81
N THR B 14 17.05 -12.09 -2.27
CA THR B 14 16.77 -11.89 -0.85
C THR B 14 15.27 -11.67 -0.65
N SER B 15 14.88 -11.24 0.54
CA SER B 15 13.50 -10.96 0.86
C SER B 15 13.41 -9.64 1.60
N VAL B 16 12.24 -8.99 1.49
CA VAL B 16 12.02 -7.67 2.06
C VAL B 16 10.73 -7.68 2.86
N LYS B 17 10.64 -6.78 3.83
CA LYS B 17 9.46 -6.65 4.67
C LYS B 17 9.09 -5.19 4.82
N VAL B 18 7.82 -4.87 4.60
CA VAL B 18 7.31 -3.50 4.67
C VAL B 18 6.19 -3.44 5.68
N SER B 19 6.22 -2.44 6.56
CA SER B 19 5.23 -2.27 7.61
C SER B 19 4.39 -1.04 7.34
N CYS B 20 3.09 -1.13 7.64
CA CYS B 20 2.14 -0.05 7.38
C CYS B 20 1.35 0.19 8.67
N LYS B 21 1.85 1.10 9.50
CA LYS B 21 1.24 1.37 10.80
C LYS B 21 0.00 2.24 10.64
N ALA B 22 -1.03 1.91 11.42
CA ALA B 22 -2.30 2.63 11.38
C ALA B 22 -2.60 3.23 12.75
N SER B 23 -3.25 4.38 12.73
CA SER B 23 -3.62 5.07 13.97
C SER B 23 -4.76 6.03 13.67
N GLY B 24 -5.44 6.46 14.73
CA GLY B 24 -6.51 7.43 14.62
C GLY B 24 -7.88 6.87 14.34
N PHE B 25 -8.05 5.56 14.29
CA PHE B 25 -9.35 4.96 14.06
C PHE B 25 -9.34 3.53 14.57
N THR B 26 -10.53 2.94 14.66
CA THR B 26 -10.67 1.57 15.15
C THR B 26 -10.09 0.62 14.11
N PHE B 27 -8.86 0.17 14.35
CA PHE B 27 -8.18 -0.68 13.39
C PHE B 27 -8.73 -2.09 13.38
N TYR B 28 -9.55 -2.46 14.36
CA TYR B 28 -9.95 -3.86 14.52
C TYR B 28 -10.92 -4.29 13.42
N TYR B 29 -11.74 -3.36 12.92
CA TYR B 29 -12.78 -3.68 11.96
C TYR B 29 -12.41 -3.35 10.52
N SER B 30 -11.15 -3.03 10.25
CA SER B 30 -10.75 -2.58 8.93
C SER B 30 -10.26 -3.75 8.08
N ALA B 31 -9.68 -3.42 6.92
CA ALA B 31 -9.08 -4.41 6.03
C ALA B 31 -8.11 -3.67 5.12
N VAL B 32 -6.98 -4.29 4.82
CA VAL B 32 -5.91 -3.64 4.08
C VAL B 32 -5.66 -4.40 2.78
N GLN B 33 -5.38 -3.65 1.72
CA GLN B 33 -4.99 -4.20 0.43
C GLN B 33 -3.69 -3.54 0.00
N TRP B 34 -2.91 -4.25 -0.81
CA TRP B 34 -1.59 -3.80 -1.21
C TRP B 34 -1.55 -3.62 -2.72
N VAL B 35 -1.12 -2.43 -3.16
CA VAL B 35 -1.03 -2.09 -4.57
C VAL B 35 0.36 -1.52 -4.83
N ARG B 36 1.00 -1.98 -5.90
CA ARG B 36 2.30 -1.49 -6.30
C ARG B 36 2.24 -0.93 -7.71
N GLN B 37 3.12 0.02 -8.00
CA GLN B 37 3.16 0.65 -9.31
C GLN B 37 4.60 0.95 -9.70
N ALA B 38 5.01 0.51 -10.87
CA ALA B 38 6.35 0.80 -11.37
C ALA B 38 6.44 2.28 -11.76
N ARG B 39 7.59 2.65 -12.32
CA ARG B 39 7.80 4.03 -12.73
C ARG B 39 7.08 4.30 -14.04
N GLY B 40 6.08 5.18 -14.00
CA GLY B 40 5.33 5.51 -15.20
C GLY B 40 4.57 4.35 -15.79
N GLN B 41 3.94 3.54 -14.95
CA GLN B 41 3.21 2.37 -15.43
C GLN B 41 1.83 2.30 -14.77
N ARG B 42 1.13 1.18 -15.00
CA ARG B 42 -0.21 0.99 -14.46
C ARG B 42 -0.14 0.39 -13.06
N LEU B 43 -1.20 0.65 -12.29
CA LEU B 43 -1.30 0.05 -10.97
C LEU B 43 -1.49 -1.46 -11.09
N GLU B 44 -0.90 -2.19 -10.15
CA GLU B 44 -0.99 -3.65 -10.12
C GLU B 44 -1.46 -4.10 -8.76
N TRP B 45 -2.47 -4.97 -8.74
CA TRP B 45 -3.03 -5.46 -7.49
C TRP B 45 -2.28 -6.70 -7.02
N LEU B 46 -2.01 -6.76 -5.71
CA LEU B 46 -1.31 -7.88 -5.10
C LEU B 46 -2.24 -8.78 -4.30
N GLY B 47 -2.95 -8.20 -3.33
CA GLY B 47 -3.85 -8.99 -2.51
C GLY B 47 -4.44 -8.12 -1.42
N TRP B 48 -5.23 -8.76 -0.56
CA TRP B 48 -5.88 -8.06 0.53
C TRP B 48 -5.98 -9.01 1.73
N MET B 49 -6.13 -8.42 2.92
CA MET B 49 -6.20 -9.18 4.15
C MET B 49 -7.15 -8.49 5.12
N ALA B 50 -8.01 -9.29 5.76
CA ALA B 50 -8.93 -8.78 6.77
C ALA B 50 -8.25 -8.83 8.12
N VAL B 51 -8.10 -7.67 8.76
CA VAL B 51 -7.33 -7.60 10.00
C VAL B 51 -8.06 -8.27 11.15
N GLY B 52 -9.38 -8.42 11.07
CA GLY B 52 -10.12 -9.00 12.18
C GLY B 52 -9.73 -10.44 12.46
N SER B 53 -9.58 -11.25 11.40
CA SER B 53 -9.32 -12.67 11.55
C SER B 53 -8.02 -13.13 10.91
N GLY B 54 -7.32 -12.28 10.17
CA GLY B 54 -6.08 -12.67 9.54
C GLY B 54 -6.23 -13.40 8.22
N LYS B 55 -7.46 -13.61 7.74
CA LYS B 55 -7.66 -14.24 6.45
C LYS B 55 -7.13 -13.35 5.33
N ALA B 56 -6.59 -13.98 4.29
CA ALA B 56 -5.99 -13.23 3.19
C ALA B 56 -6.31 -13.91 1.87
N ASN B 57 -6.25 -13.12 0.81
CA ASN B 57 -6.42 -13.59 -0.55
C ASN B 57 -5.29 -13.06 -1.42
N TYR B 58 -4.86 -13.86 -2.38
CA TYR B 58 -3.71 -13.52 -3.21
C TYR B 58 -4.05 -13.74 -4.68
N ALA B 59 -3.39 -12.97 -5.54
CA ALA B 59 -3.48 -13.20 -6.97
C ALA B 59 -2.59 -14.36 -7.37
N GLN B 60 -2.84 -14.90 -8.55
CA GLN B 60 -2.14 -16.12 -8.99
C GLN B 60 -0.66 -15.87 -9.21
N LYS B 61 -0.27 -14.68 -9.67
CA LYS B 61 1.13 -14.43 -9.98
C LYS B 61 1.99 -14.42 -8.73
N PHE B 62 1.49 -13.82 -7.65
CA PHE B 62 2.25 -13.67 -6.41
C PHE B 62 1.70 -14.54 -5.29
N GLN B 63 1.20 -15.73 -5.63
CA GLN B 63 0.59 -16.58 -4.63
C GLN B 63 1.64 -17.24 -3.74
N GLU B 64 2.77 -17.65 -4.32
CA GLU B 64 3.78 -18.42 -3.58
C GLU B 64 4.89 -17.55 -3.00
N ARG B 65 4.86 -16.24 -3.23
CA ARG B 65 5.92 -15.37 -2.74
C ARG B 65 5.45 -14.28 -1.78
N LEU B 66 4.15 -14.00 -1.73
CA LEU B 66 3.62 -12.91 -0.92
C LEU B 66 2.99 -13.46 0.34
N THR B 67 3.34 -12.89 1.49
CA THR B 67 2.77 -13.28 2.77
C THR B 67 2.32 -12.02 3.51
N LEU B 68 1.08 -12.04 3.99
CA LEU B 68 0.50 -10.91 4.71
C LEU B 68 0.23 -11.32 6.15
N THR B 69 0.68 -10.50 7.10
CA THR B 69 0.49 -10.77 8.51
C THR B 69 0.04 -9.47 9.19
N ARG B 70 -0.27 -9.58 10.49
CA ARG B 70 -0.79 -8.47 11.25
C ARG B 70 -0.26 -8.53 12.68
N ASP B 71 -0.36 -7.41 13.37
CA ASP B 71 0.03 -7.32 14.78
C ASP B 71 -0.97 -6.46 15.50
N MET B 72 -1.82 -7.08 16.33
CA MET B 72 -2.87 -6.33 17.01
C MET B 72 -2.30 -5.40 18.07
N SER B 73 -1.15 -5.75 18.64
CA SER B 73 -0.60 -4.96 19.75
C SER B 73 -0.26 -3.54 19.30
N THR B 74 0.35 -3.40 18.13
CA THR B 74 0.76 -2.10 17.62
C THR B 74 -0.08 -1.63 16.44
N SER B 75 -1.14 -2.36 16.10
CA SER B 75 -2.01 -2.02 14.97
C SER B 75 -1.21 -1.84 13.69
N THR B 76 -0.29 -2.78 13.45
CA THR B 76 0.65 -2.71 12.34
C THR B 76 0.42 -3.90 11.42
N ALA B 77 0.36 -3.62 10.11
CA ALA B 77 0.21 -4.65 9.10
C ALA B 77 1.54 -4.86 8.37
N TYR B 78 1.89 -6.12 8.15
CA TYR B 78 3.17 -6.48 7.57
C TYR B 78 2.97 -7.15 6.22
N MET B 79 3.85 -6.85 5.27
CA MET B 79 3.89 -7.50 3.98
C MET B 79 5.33 -7.88 3.67
N GLU B 80 5.53 -9.11 3.20
CA GLU B 80 6.87 -9.57 2.86
C GLU B 80 6.86 -10.26 1.51
N LEU B 81 7.97 -10.14 0.79
CA LEU B 81 8.13 -10.74 -0.52
C LEU B 81 9.52 -11.36 -0.59
N SER B 82 9.59 -12.62 -1.01
CA SER B 82 10.86 -13.34 -1.09
C SER B 82 11.21 -13.60 -2.54
N SER B 83 12.51 -13.84 -2.77
CA SER B 83 13.06 -14.07 -4.10
C SER B 83 12.75 -12.90 -5.03
N LEU B 84 13.25 -11.73 -4.63
CA LEU B 84 13.03 -10.52 -5.42
C LEU B 84 13.83 -10.57 -6.72
N ARG B 85 13.30 -9.93 -7.74
CA ARG B 85 13.95 -9.82 -9.04
C ARG B 85 14.07 -8.36 -9.45
N SER B 86 14.76 -8.14 -10.56
CA SER B 86 15.06 -6.77 -10.99
C SER B 86 13.78 -5.99 -11.29
N GLU B 87 12.80 -6.64 -11.89
CA GLU B 87 11.56 -5.95 -12.27
C GLU B 87 10.70 -5.57 -11.07
N ASP B 88 11.03 -6.05 -9.87
CA ASP B 88 10.25 -5.74 -8.69
C ASP B 88 10.46 -4.32 -8.19
N THR B 89 11.36 -3.56 -8.78
CA THR B 89 11.56 -2.17 -8.41
C THR B 89 10.30 -1.35 -8.66
N ALA B 90 9.68 -0.86 -7.60
CA ALA B 90 8.45 -0.08 -7.69
C ALA B 90 8.21 0.60 -6.35
N VAL B 91 7.01 1.16 -6.19
CA VAL B 91 6.57 1.75 -4.92
C VAL B 91 5.31 1.01 -4.48
N TYR B 92 5.20 0.78 -3.18
CA TYR B 92 4.13 -0.04 -2.62
C TYR B 92 3.23 0.79 -1.73
N TYR B 93 1.92 0.58 -1.85
CA TYR B 93 0.92 1.33 -1.10
C TYR B 93 0.07 0.37 -0.26
N CYS B 94 -0.43 0.88 0.86
CA CYS B 94 -1.38 0.17 1.71
C CYS B 94 -2.60 1.06 1.89
N ALA B 95 -3.78 0.49 1.72
CA ALA B 95 -5.02 1.24 1.80
C ALA B 95 -6.03 0.51 2.67
N ALA B 96 -6.86 1.26 3.39
CA ALA B 96 -7.85 0.69 4.29
C ALA B 96 -8.95 1.71 4.51
N PRO B 97 -10.18 1.26 4.78
CA PRO B 97 -11.27 2.19 5.03
C PRO B 97 -11.29 2.71 6.46
N ASN B 98 -11.94 3.86 6.63
CA ASN B 98 -12.06 4.49 7.94
C ASN B 98 -13.18 3.83 8.73
N CYS B 99 -12.81 3.10 9.78
CA CYS B 99 -13.77 2.44 10.66
C CYS B 99 -13.87 3.22 11.96
N THR B 100 -15.09 3.57 12.36
CA THR B 100 -15.32 4.29 13.61
C THR B 100 -15.82 3.37 14.71
N GLY B 101 -16.81 2.53 14.43
CA GLY B 101 -17.31 1.58 15.39
C GLY B 101 -17.65 0.26 14.72
N GLY B 102 -18.86 -0.23 14.93
CA GLY B 102 -19.32 -1.36 14.15
C GLY B 102 -19.45 -1.01 12.69
N SER B 103 -20.06 0.14 12.39
CA SER B 103 -20.19 0.59 11.02
C SER B 103 -18.85 1.13 10.52
N CYS B 104 -18.67 1.05 9.19
CA CYS B 104 -17.41 1.46 8.58
C CYS B 104 -17.68 1.95 7.17
N TYR B 105 -16.72 2.71 6.64
CA TYR B 105 -16.89 3.33 5.34
C TYR B 105 -16.78 2.28 4.24
N ASP B 106 -17.43 2.55 3.11
CA ASP B 106 -17.62 1.57 2.04
C ASP B 106 -16.53 1.63 0.97
N GLY B 107 -15.42 2.32 1.23
CA GLY B 107 -14.38 2.43 0.23
C GLY B 107 -13.03 2.67 0.86
N PHE B 108 -11.98 2.45 0.07
CA PHE B 108 -10.60 2.59 0.53
C PHE B 108 -10.18 4.05 0.40
N ASN B 109 -10.78 4.89 1.24
CA ASN B 109 -10.49 6.33 1.18
C ASN B 109 -9.13 6.64 1.78
N LEU B 110 -8.72 5.93 2.82
CA LEU B 110 -7.44 6.20 3.47
C LEU B 110 -6.31 5.50 2.73
N TRP B 111 -5.25 6.23 2.45
CA TRP B 111 -4.10 5.69 1.73
C TRP B 111 -2.81 6.12 2.41
N GLY B 112 -1.77 5.31 2.25
CA GLY B 112 -0.47 5.61 2.80
C GLY B 112 0.35 6.50 1.88
N GLN B 113 1.58 6.77 2.32
CA GLN B 113 2.49 7.60 1.55
C GLN B 113 3.36 6.80 0.59
N GLY B 114 3.46 5.49 0.77
CA GLY B 114 4.22 4.68 -0.17
C GLY B 114 5.65 4.46 0.27
N THR B 115 6.21 3.34 -0.17
CA THR B 115 7.58 2.96 0.15
C THR B 115 8.29 2.55 -1.14
N VAL B 116 9.48 3.09 -1.36
CA VAL B 116 10.25 2.82 -2.56
C VAL B 116 11.18 1.66 -2.30
N VAL B 117 11.09 0.62 -3.13
CA VAL B 117 11.92 -0.57 -3.01
C VAL B 117 12.66 -0.78 -4.33
N THR B 118 13.98 -0.92 -4.24
CA THR B 118 14.83 -1.11 -5.42
C THR B 118 15.58 -2.43 -5.28
N VAL B 119 15.55 -3.24 -6.33
CA VAL B 119 16.24 -4.52 -6.37
C VAL B 119 17.33 -4.43 -7.42
N SER B 120 18.57 -4.60 -7.01
CA SER B 120 19.70 -4.52 -7.92
C SER B 120 20.93 -5.13 -7.24
N SER B 121 22.01 -5.23 -7.99
CA SER B 121 23.27 -5.74 -7.48
C SER B 121 24.40 -4.73 -7.44
N ALA B 122 24.32 -3.67 -8.26
CA ALA B 122 25.38 -2.68 -8.32
C ALA B 122 25.45 -1.91 -7.01
N SER B 123 26.68 -1.71 -6.52
CA SER B 123 26.89 -0.98 -5.27
C SER B 123 26.77 0.52 -5.51
N THR B 124 26.60 1.26 -4.41
CA THR B 124 26.47 2.69 -4.49
C THR B 124 27.77 3.33 -4.96
N LYS B 125 27.64 4.48 -5.63
CA LYS B 125 28.79 5.20 -6.14
C LYS B 125 28.39 6.65 -6.39
N GLY B 126 29.36 7.55 -6.23
CA GLY B 126 29.15 8.95 -6.47
C GLY B 126 29.04 9.26 -7.94
N PRO B 127 28.52 10.44 -8.27
CA PRO B 127 28.32 10.83 -9.66
C PRO B 127 29.53 11.58 -10.22
N SER B 128 29.53 11.74 -11.54
CA SER B 128 30.51 12.53 -12.25
C SER B 128 29.77 13.56 -13.09
N VAL B 129 30.21 14.81 -13.03
CA VAL B 129 29.53 15.91 -13.71
C VAL B 129 30.31 16.26 -14.98
N PHE B 130 29.61 16.34 -16.10
CA PHE B 130 30.21 16.66 -17.38
C PHE B 130 29.51 17.88 -17.95
N PRO B 131 30.22 18.95 -18.31
CA PRO B 131 29.54 20.18 -18.74
C PRO B 131 29.14 20.13 -20.20
N LEU B 132 27.95 20.65 -20.49
CA LEU B 132 27.44 20.77 -21.86
C LEU B 132 27.68 22.20 -22.32
N ALA B 133 28.92 22.49 -22.66
CA ALA B 133 29.29 23.84 -23.07
C ALA B 133 28.59 24.21 -24.38
N PRO B 134 28.03 25.40 -24.48
CA PRO B 134 27.41 25.81 -25.75
C PRO B 134 28.46 26.12 -26.80
N SER B 135 28.04 25.99 -28.06
CA SER B 135 28.92 26.22 -29.20
C SER B 135 28.18 27.06 -30.22
N SER B 136 28.87 27.42 -31.30
CA SER B 136 28.24 28.18 -32.38
C SER B 136 27.14 27.37 -33.05
N LYS B 137 27.37 26.07 -33.25
CA LYS B 137 26.36 25.21 -33.86
C LYS B 137 25.13 25.10 -32.97
N SER B 138 25.34 24.99 -31.65
CA SER B 138 24.21 24.85 -30.74
C SER B 138 23.34 26.10 -30.74
N THR B 139 23.94 27.28 -30.81
CA THR B 139 23.18 28.52 -30.82
C THR B 139 22.33 28.61 -32.09
N SER B 140 21.10 29.06 -31.92
CA SER B 140 20.17 29.16 -33.05
C SER B 140 19.28 30.38 -32.83
N GLY B 141 19.44 31.39 -33.70
CA GLY B 141 18.59 32.56 -33.65
C GLY B 141 18.69 33.36 -32.38
N GLY B 142 19.90 33.54 -31.86
CA GLY B 142 20.09 34.30 -30.64
C GLY B 142 19.88 33.49 -29.38
N THR B 143 18.95 32.54 -29.44
CA THR B 143 18.69 31.67 -28.31
C THR B 143 19.83 30.68 -28.13
N ALA B 144 20.30 30.51 -26.90
CA ALA B 144 21.36 29.57 -26.58
C ALA B 144 20.91 28.69 -25.43
N ALA B 145 21.41 27.46 -25.42
CA ALA B 145 21.09 26.50 -24.38
C ALA B 145 22.37 25.84 -23.89
N LEU B 146 22.43 25.60 -22.57
CA LEU B 146 23.57 24.95 -21.97
C LEU B 146 23.12 24.26 -20.69
N GLY B 147 23.94 23.32 -20.24
CA GLY B 147 23.62 22.59 -19.04
C GLY B 147 24.75 21.70 -18.61
N CYS B 148 24.42 20.75 -17.74
CA CYS B 148 25.40 19.83 -17.19
C CYS B 148 24.89 18.40 -17.31
N LEU B 149 25.83 17.46 -17.42
CA LEU B 149 25.51 16.05 -17.57
C LEU B 149 25.99 15.29 -16.34
N VAL B 150 25.13 14.43 -15.79
CA VAL B 150 25.43 13.64 -14.61
C VAL B 150 25.39 12.18 -15.00
N LYS B 151 26.35 11.40 -14.50
CA LYS B 151 26.47 10.01 -14.90
C LYS B 151 26.79 9.14 -13.69
N ASP B 152 26.69 7.83 -13.90
CA ASP B 152 27.17 6.76 -13.01
C ASP B 152 26.96 7.06 -11.52
N TYR B 153 25.69 7.23 -11.15
CA TYR B 153 25.30 7.27 -9.75
C TYR B 153 24.19 6.25 -9.52
N PHE B 154 24.32 5.44 -8.47
CA PHE B 154 23.34 4.40 -8.23
C PHE B 154 22.08 4.87 -7.51
N PRO B 155 22.17 5.58 -6.39
CA PRO B 155 20.94 6.00 -5.69
C PRO B 155 20.10 6.93 -6.53
N GLU B 156 18.78 6.78 -6.41
CA GLU B 156 17.85 7.60 -7.18
C GLU B 156 17.96 9.10 -6.92
N PRO B 157 17.93 9.60 -5.68
CA PRO B 157 17.72 11.04 -5.51
C PRO B 157 18.99 11.84 -5.75
N VAL B 158 18.97 12.68 -6.79
CA VAL B 158 20.01 13.67 -7.04
C VAL B 158 19.31 14.98 -7.38
N THR B 159 20.06 16.08 -7.21
CA THR B 159 19.50 17.41 -7.37
C THR B 159 20.40 18.26 -8.25
N VAL B 160 19.76 19.16 -8.99
CA VAL B 160 20.45 20.10 -9.87
C VAL B 160 19.95 21.50 -9.57
N SER B 161 20.85 22.46 -9.50
CA SER B 161 20.49 23.86 -9.28
C SER B 161 21.48 24.74 -10.01
N TRP B 162 21.09 26.00 -10.21
CA TRP B 162 21.89 26.95 -10.97
C TRP B 162 21.99 28.28 -10.23
N ASN B 163 23.17 28.91 -10.33
CA ASN B 163 23.47 30.16 -9.65
C ASN B 163 23.20 30.06 -8.16
N SER B 164 23.54 28.91 -7.58
CA SER B 164 23.24 28.61 -6.19
C SER B 164 21.75 28.77 -5.92
N GLY B 165 20.94 28.36 -6.89
CA GLY B 165 19.50 28.49 -6.79
C GLY B 165 18.92 29.78 -7.33
N ALA B 166 19.76 30.74 -7.72
CA ALA B 166 19.25 32.00 -8.23
C ALA B 166 18.76 31.89 -9.67
N LEU B 167 19.40 31.04 -10.47
CA LEU B 167 19.04 30.89 -11.89
C LEU B 167 18.07 29.74 -12.03
N THR B 168 16.79 30.07 -12.24
CA THR B 168 15.76 29.07 -12.48
C THR B 168 14.83 29.44 -13.62
N SER B 169 15.04 30.57 -14.28
CA SER B 169 14.14 31.00 -15.35
C SER B 169 14.28 30.07 -16.55
N GLY B 170 13.21 29.35 -16.85
CA GLY B 170 13.24 28.42 -17.97
C GLY B 170 14.25 27.30 -17.79
N VAL B 171 14.34 26.74 -16.60
CA VAL B 171 15.25 25.64 -16.32
C VAL B 171 14.55 24.33 -16.62
N HIS B 172 15.30 23.37 -17.15
CA HIS B 172 14.76 22.06 -17.50
C HIS B 172 15.65 20.97 -16.92
N THR B 173 15.03 20.05 -16.19
CA THR B 173 15.70 18.84 -15.71
C THR B 173 14.95 17.63 -16.23
N PHE B 174 15.68 16.63 -16.60
CA PHE B 174 14.92 15.54 -17.19
C PHE B 174 14.87 14.36 -16.24
N PRO B 175 13.82 13.54 -16.33
CA PRO B 175 13.75 12.33 -15.49
C PRO B 175 14.92 11.40 -15.77
N ALA B 176 15.44 10.80 -14.71
CA ALA B 176 16.60 9.92 -14.84
C ALA B 176 16.24 8.65 -15.57
N VAL B 177 17.20 8.13 -16.33
CA VAL B 177 17.04 6.88 -17.05
C VAL B 177 18.07 5.89 -16.53
N LEU B 178 17.89 4.62 -16.90
CA LEU B 178 18.74 3.54 -16.47
C LEU B 178 19.58 3.04 -17.64
N GLN B 179 20.90 3.02 -17.46
CA GLN B 179 21.79 2.50 -18.48
C GLN B 179 21.92 0.98 -18.35
N SER B 180 22.60 0.38 -19.33
CA SER B 180 22.83 -1.06 -19.31
C SER B 180 23.74 -1.48 -18.16
N SER B 181 24.55 -0.57 -17.62
CA SER B 181 25.46 -0.89 -16.54
C SER B 181 24.80 -0.88 -15.17
N GLY B 182 23.53 -0.52 -15.09
CA GLY B 182 22.85 -0.45 -13.80
C GLY B 182 23.05 0.84 -13.05
N LEU B 183 23.69 1.84 -13.67
CA LEU B 183 23.96 3.11 -13.03
C LEU B 183 23.17 4.20 -13.73
N TYR B 184 22.50 5.06 -12.94
CA TYR B 184 21.60 6.05 -13.48
C TYR B 184 22.36 7.24 -14.06
N SER B 185 21.66 8.01 -14.89
CA SER B 185 22.23 9.21 -15.50
C SER B 185 21.10 10.08 -16.02
N LEU B 186 21.20 11.38 -15.79
CA LEU B 186 20.22 12.34 -16.28
C LEU B 186 20.95 13.53 -16.90
N SER B 187 20.17 14.47 -17.41
CA SER B 187 20.70 15.71 -17.95
C SER B 187 19.85 16.86 -17.47
N SER B 188 20.47 18.04 -17.39
CA SER B 188 19.77 19.26 -17.02
C SER B 188 20.23 20.39 -17.94
N VAL B 189 19.27 21.12 -18.51
CA VAL B 189 19.57 22.19 -19.45
C VAL B 189 18.80 23.44 -19.04
N VAL B 190 19.29 24.59 -19.53
CA VAL B 190 18.63 25.86 -19.30
C VAL B 190 18.91 26.75 -20.51
N THR B 191 18.01 27.68 -20.77
CA THR B 191 18.10 28.55 -21.94
C THR B 191 18.55 29.95 -21.53
N VAL B 192 19.52 30.49 -22.27
CA VAL B 192 20.01 31.85 -22.05
C VAL B 192 20.26 32.50 -23.39
N PRO B 193 20.14 33.83 -23.44
CA PRO B 193 20.43 34.54 -24.68
C PRO B 193 21.89 34.44 -25.06
N SER B 194 22.17 34.55 -26.36
CA SER B 194 23.54 34.51 -26.85
C SER B 194 24.37 35.67 -26.32
N SER B 195 23.73 36.77 -25.90
CA SER B 195 24.45 37.87 -25.29
C SER B 195 24.85 37.57 -23.85
N SER B 196 24.33 36.50 -23.25
CA SER B 196 24.65 36.16 -21.88
C SER B 196 25.95 35.38 -21.74
N LEU B 197 26.35 34.65 -22.77
CA LEU B 197 27.59 33.88 -22.70
C LEU B 197 28.78 34.82 -22.60
N GLY B 198 29.74 34.45 -21.77
CA GLY B 198 30.93 35.25 -21.58
C GLY B 198 30.75 36.46 -20.69
N THR B 199 29.60 36.61 -20.06
CA THR B 199 29.32 37.77 -19.22
C THR B 199 28.97 37.40 -17.78
N GLN B 200 28.36 36.25 -17.56
CA GLN B 200 27.92 35.83 -16.24
C GLN B 200 28.58 34.51 -15.85
N THR B 201 28.86 34.35 -14.56
CA THR B 201 29.45 33.13 -14.04
C THR B 201 28.37 32.05 -13.99
N TYR B 202 28.42 31.12 -14.94
CA TYR B 202 27.43 30.06 -15.04
C TYR B 202 28.00 28.77 -14.46
N ILE B 203 27.25 28.17 -13.54
CA ILE B 203 27.70 26.96 -12.85
C ILE B 203 26.47 26.21 -12.36
N CYS B 204 26.54 24.89 -12.39
CA CYS B 204 25.45 24.03 -11.96
C CYS B 204 25.76 23.43 -10.60
N ASN B 205 24.84 23.60 -9.66
CA ASN B 205 24.99 23.06 -8.31
C ASN B 205 24.28 21.72 -8.24
N VAL B 206 25.03 20.69 -7.84
CA VAL B 206 24.50 19.34 -7.75
C VAL B 206 24.94 18.73 -6.43
N ASN B 207 24.27 17.64 -6.05
CA ASN B 207 24.56 16.96 -4.79
C ASN B 207 24.15 15.51 -4.89
N HIS B 208 24.84 14.67 -4.12
CA HIS B 208 24.52 13.24 -4.00
C HIS B 208 24.63 12.86 -2.53
N LYS B 209 23.50 12.80 -1.84
CA LYS B 209 23.51 12.57 -0.40
C LYS B 209 24.08 11.21 -0.01
N PRO B 210 23.68 10.09 -0.61
CA PRO B 210 24.27 8.81 -0.19
C PRO B 210 25.78 8.75 -0.35
N SER B 211 26.33 9.39 -1.38
CA SER B 211 27.77 9.52 -1.50
C SER B 211 28.33 10.68 -0.70
N ASN B 212 27.47 11.59 -0.23
CA ASN B 212 27.89 12.77 0.53
C ASN B 212 28.93 13.58 -0.25
N THR B 213 28.74 13.67 -1.55
CA THR B 213 29.64 14.41 -2.43
C THR B 213 28.90 15.58 -3.04
N LYS B 214 29.49 16.77 -2.94
CA LYS B 214 28.89 17.99 -3.45
C LYS B 214 29.83 18.61 -4.47
N VAL B 215 29.30 18.90 -5.66
CA VAL B 215 30.10 19.40 -6.77
C VAL B 215 29.44 20.64 -7.34
N ASP B 216 30.26 21.63 -7.68
CA ASP B 216 29.81 22.83 -8.40
C ASP B 216 30.71 22.97 -9.62
N LYS B 217 30.27 22.44 -10.76
CA LYS B 217 31.08 22.38 -11.97
C LYS B 217 30.84 23.62 -12.82
N LYS B 218 31.83 24.51 -12.85
CA LYS B 218 31.74 25.68 -13.72
C LYS B 218 31.86 25.25 -15.17
N VAL B 219 31.09 25.93 -16.03
CA VAL B 219 31.06 25.64 -17.46
C VAL B 219 31.49 26.88 -18.22
N GLU B 220 32.31 26.69 -19.25
CA GLU B 220 32.76 27.78 -20.09
C GLU B 220 32.52 27.46 -21.56
N PRO B 221 32.31 28.47 -22.39
CA PRO B 221 32.04 28.21 -23.81
C PRO B 221 33.20 27.50 -24.47
N LYS B 222 32.88 26.59 -25.40
CA LYS B 222 33.90 25.86 -26.13
C LYS B 222 34.66 26.82 -27.05
N SER B 223 35.97 26.65 -27.09
CA SER B 223 36.83 27.51 -27.91
C SER B 223 37.00 26.94 -29.31
N GLU C 1 -11.85 -14.72 -14.86
CA GLU C 1 -11.67 -13.52 -14.05
C GLU C 1 -12.37 -12.33 -14.67
N ILE C 2 -12.10 -11.14 -14.16
CA ILE C 2 -12.71 -9.90 -14.62
C ILE C 2 -11.62 -8.99 -15.15
N VAL C 3 -11.82 -8.47 -16.35
CA VAL C 3 -10.86 -7.56 -16.98
C VAL C 3 -11.56 -6.23 -17.24
N LEU C 4 -10.88 -5.14 -16.90
CA LEU C 4 -11.39 -3.79 -17.07
C LEU C 4 -10.56 -3.05 -18.10
N THR C 5 -11.23 -2.36 -19.01
CA THR C 5 -10.56 -1.66 -20.10
C THR C 5 -11.22 -0.30 -20.28
N GLN C 6 -10.48 0.77 -20.00
CA GLN C 6 -10.96 2.12 -20.25
C GLN C 6 -10.72 2.46 -21.71
N SER C 7 -11.79 2.56 -22.49
CA SER C 7 -11.64 2.72 -23.93
C SER C 7 -10.92 3.99 -24.34
N PRO C 8 -11.27 5.20 -23.84
CA PRO C 8 -10.58 6.40 -24.31
C PRO C 8 -9.25 6.59 -23.59
N GLY C 9 -8.16 6.47 -24.34
CA GLY C 9 -6.84 6.50 -23.75
C GLY C 9 -6.44 7.84 -23.18
N THR C 10 -6.26 8.83 -24.05
CA THR C 10 -5.88 10.18 -23.63
C THR C 10 -6.85 11.18 -24.23
N LEU C 11 -7.21 12.20 -23.45
CA LEU C 11 -8.12 13.24 -23.88
C LEU C 11 -7.53 14.59 -23.55
N SER C 12 -7.43 15.46 -24.55
CA SER C 12 -6.90 16.82 -24.37
C SER C 12 -8.05 17.79 -24.61
N LEU C 13 -8.54 18.39 -23.54
CA LEU C 13 -9.69 19.29 -23.60
C LEU C 13 -9.38 20.57 -22.86
N SER C 14 -9.70 21.70 -23.47
CA SER C 14 -9.54 22.98 -22.82
C SER C 14 -10.51 23.10 -21.65
N PRO C 15 -10.16 23.85 -20.61
CA PRO C 15 -11.08 24.00 -19.48
C PRO C 15 -12.42 24.56 -19.90
N GLY C 16 -13.48 24.03 -19.31
CA GLY C 16 -14.83 24.45 -19.63
C GLY C 16 -15.66 23.36 -20.28
N ASP C 17 -15.05 22.63 -21.20
CA ASP C 17 -15.75 21.54 -21.89
C ASP C 17 -15.90 20.36 -20.97
N ARG C 18 -17.10 19.78 -20.93
CA ARG C 18 -17.32 18.58 -20.14
C ARG C 18 -16.56 17.40 -20.75
N ALA C 19 -16.05 16.53 -19.88
CA ALA C 19 -15.27 15.38 -20.30
C ALA C 19 -15.95 14.10 -19.86
N ILE C 20 -15.71 13.03 -20.61
CA ILE C 20 -16.32 11.74 -20.33
C ILE C 20 -15.25 10.66 -20.37
N LEU C 21 -15.52 9.57 -19.65
CA LEU C 21 -14.68 8.39 -19.63
C LEU C 21 -15.58 7.17 -19.77
N SER C 22 -14.98 6.03 -20.11
CA SER C 22 -15.75 4.81 -20.33
C SER C 22 -14.95 3.62 -19.80
N CYS C 23 -15.36 3.11 -18.65
CA CYS C 23 -14.76 1.91 -18.06
C CYS C 23 -15.72 0.75 -18.30
N ARG C 24 -15.34 -0.16 -19.19
CA ARG C 24 -16.19 -1.26 -19.60
C ARG C 24 -15.55 -2.59 -19.22
N ALA C 25 -16.37 -3.51 -18.73
CA ALA C 25 -15.90 -4.80 -18.24
C ALA C 25 -16.25 -5.89 -19.24
N SER C 26 -15.79 -7.11 -18.93
CA SER C 26 -16.07 -8.27 -19.76
C SER C 26 -17.24 -9.10 -19.26
N GLN C 27 -17.35 -9.29 -17.95
CA GLN C 27 -18.46 -10.02 -17.35
C GLN C 27 -19.26 -9.07 -16.48
N THR C 28 -20.47 -9.50 -16.12
CA THR C 28 -21.33 -8.66 -15.29
C THR C 28 -20.67 -8.41 -13.94
N VAL C 29 -20.67 -7.14 -13.52
CA VAL C 29 -19.98 -6.72 -12.31
C VAL C 29 -21.01 -6.18 -11.33
N ASN C 30 -20.86 -6.55 -10.06
CA ASN C 30 -21.77 -6.06 -9.04
C ASN C 30 -21.71 -4.55 -8.95
N SER C 31 -22.88 -3.93 -8.85
CA SER C 31 -22.97 -2.47 -8.87
C SER C 31 -22.61 -1.82 -7.55
N ASN C 32 -22.37 -2.60 -6.50
CA ASN C 32 -22.05 -2.07 -5.19
C ASN C 32 -20.57 -2.16 -4.85
N TYR C 33 -19.72 -2.54 -5.80
CA TYR C 33 -18.31 -2.72 -5.54
C TYR C 33 -17.46 -2.19 -6.69
N LEU C 34 -17.79 -0.98 -7.16
CA LEU C 34 -17.02 -0.31 -8.20
C LEU C 34 -16.60 1.06 -7.72
N ALA C 35 -15.42 1.50 -8.15
CA ALA C 35 -14.87 2.76 -7.65
C ALA C 35 -13.98 3.40 -8.70
N TRP C 36 -13.76 4.70 -8.52
CA TRP C 36 -12.88 5.49 -9.38
C TRP C 36 -11.86 6.22 -8.50
N TYR C 37 -10.61 6.26 -8.95
CA TYR C 37 -9.53 6.89 -8.21
C TYR C 37 -8.85 7.94 -9.07
N GLN C 38 -8.37 9.00 -8.42
CA GLN C 38 -7.62 10.06 -9.09
C GLN C 38 -6.21 10.10 -8.54
N GLN C 39 -5.23 10.12 -9.44
CA GLN C 39 -3.82 10.16 -9.05
C GLN C 39 -3.11 11.26 -9.82
N LYS C 40 -2.35 12.06 -9.11
CA LYS C 40 -1.44 13.02 -9.71
C LYS C 40 -0.02 12.48 -9.68
N PRO C 41 0.85 12.96 -10.57
CA PRO C 41 2.24 12.46 -10.59
C PRO C 41 2.95 12.73 -9.28
N GLY C 42 3.31 11.66 -8.58
CA GLY C 42 4.07 11.75 -7.35
C GLY C 42 3.27 11.69 -6.06
N GLN C 43 1.98 11.38 -6.12
CA GLN C 43 1.15 11.31 -4.93
C GLN C 43 0.32 10.03 -4.95
N ALA C 44 -0.10 9.62 -3.77
CA ALA C 44 -0.93 8.43 -3.64
C ALA C 44 -2.30 8.69 -4.25
N PRO C 45 -2.96 7.66 -4.79
CA PRO C 45 -4.28 7.86 -5.39
C PRO C 45 -5.29 8.33 -4.37
N ARG C 46 -6.29 9.07 -4.85
CA ARG C 46 -7.37 9.57 -4.02
C ARG C 46 -8.69 9.02 -4.55
N LEU C 47 -9.55 8.60 -3.63
CA LEU C 47 -10.84 8.03 -3.99
C LEU C 47 -11.81 9.13 -4.39
N LEU C 48 -12.55 8.89 -5.48
CA LEU C 48 -13.52 9.86 -5.98
C LEU C 48 -14.94 9.34 -5.89
N ILE C 49 -15.23 8.20 -6.51
CA ILE C 49 -16.58 7.64 -6.55
C ILE C 49 -16.54 6.23 -6.00
N TYR C 50 -17.50 5.89 -5.15
CA TYR C 50 -17.66 4.54 -4.64
C TYR C 50 -19.12 4.13 -4.76
N GLY C 51 -19.35 2.84 -4.96
CA GLY C 51 -20.71 2.36 -5.10
C GLY C 51 -21.34 2.69 -6.43
N THR C 52 -20.56 3.15 -7.40
CA THR C 52 -20.98 3.36 -8.79
C THR C 52 -21.86 4.59 -8.94
N SER C 53 -22.35 5.15 -7.84
CA SER C 53 -23.23 6.32 -7.93
C SER C 53 -22.95 7.42 -6.92
N SER C 54 -22.30 7.14 -5.80
CA SER C 54 -22.14 8.12 -4.73
C SER C 54 -20.69 8.59 -4.65
N ARG C 55 -20.51 9.86 -4.33
CA ARG C 55 -19.17 10.43 -4.24
C ARG C 55 -18.62 10.33 -2.83
N ALA C 56 -17.33 10.61 -2.70
CA ALA C 56 -16.62 10.45 -1.43
C ALA C 56 -16.84 11.67 -0.55
N THR C 57 -16.07 11.76 0.53
CA THR C 57 -16.18 12.87 1.46
C THR C 57 -15.39 14.07 0.97
N GLY C 58 -16.07 15.21 0.82
CA GLY C 58 -15.41 16.43 0.42
C GLY C 58 -15.17 16.58 -1.07
N ILE C 59 -15.59 15.62 -1.88
CA ILE C 59 -15.40 15.71 -3.32
C ILE C 59 -16.40 16.71 -3.89
N PRO C 60 -15.94 17.69 -4.67
CA PRO C 60 -16.88 18.69 -5.22
C PRO C 60 -17.91 18.04 -6.13
N ASP C 61 -19.08 18.67 -6.20
CA ASP C 61 -20.25 18.09 -6.83
C ASP C 61 -20.11 17.92 -8.34
N ARG C 62 -19.10 18.52 -8.96
CA ARG C 62 -18.99 18.44 -10.41
C ARG C 62 -18.82 17.00 -10.88
N PHE C 63 -18.04 16.20 -10.14
CA PHE C 63 -17.92 14.78 -10.44
C PHE C 63 -19.25 14.08 -10.20
N SER C 64 -19.57 13.11 -11.05
CA SER C 64 -20.82 12.38 -10.92
C SER C 64 -20.73 11.09 -11.74
N GLY C 65 -20.98 9.96 -11.10
CA GLY C 65 -20.92 8.67 -11.75
C GLY C 65 -22.30 8.17 -12.14
N SER C 66 -22.32 7.28 -13.13
CA SER C 66 -23.57 6.72 -13.62
C SER C 66 -23.28 5.43 -14.38
N GLY C 67 -24.34 4.68 -14.65
CA GLY C 67 -24.25 3.46 -15.42
C GLY C 67 -24.23 2.22 -14.55
N SER C 68 -24.68 1.11 -15.14
CA SER C 68 -24.70 -0.16 -14.45
C SER C 68 -24.67 -1.28 -15.47
N GLY C 69 -24.22 -2.44 -15.05
CA GLY C 69 -24.07 -3.59 -15.94
C GLY C 69 -22.65 -3.71 -16.46
N THR C 70 -22.50 -3.73 -17.77
CA THR C 70 -21.18 -3.78 -18.40
C THR C 70 -20.67 -2.42 -18.84
N ASP C 71 -21.42 -1.35 -18.58
CA ASP C 71 -21.04 0.00 -18.96
C ASP C 71 -21.00 0.89 -17.73
N PHE C 72 -19.92 1.64 -17.59
CA PHE C 72 -19.79 2.60 -16.50
C PHE C 72 -19.10 3.84 -17.02
N THR C 73 -19.59 5.00 -16.59
CA THR C 73 -19.11 6.29 -17.09
C THR C 73 -18.84 7.24 -15.94
N LEU C 74 -17.92 8.17 -16.16
CA LEU C 74 -17.61 9.24 -15.23
C LEU C 74 -17.71 10.56 -15.98
N THR C 75 -18.39 11.54 -15.38
CA THR C 75 -18.68 12.80 -16.05
C THR C 75 -18.22 13.97 -15.20
N ILE C 76 -17.46 14.87 -15.81
CA ILE C 76 -17.07 16.12 -15.17
C ILE C 76 -17.84 17.25 -15.87
N SER C 77 -18.60 18.01 -15.10
CA SER C 77 -19.47 19.02 -15.68
C SER C 77 -18.66 20.12 -16.36
N ARG C 78 -17.69 20.69 -15.65
CA ARG C 78 -16.83 21.72 -16.21
C ARG C 78 -15.46 21.58 -15.59
N LEU C 79 -14.45 21.34 -16.42
CA LEU C 79 -13.12 21.06 -15.90
C LEU C 79 -12.52 22.28 -15.22
N GLU C 80 -11.58 22.00 -14.32
CA GLU C 80 -10.88 22.99 -13.53
C GLU C 80 -9.39 22.72 -13.65
N PRO C 81 -8.55 23.73 -13.42
CA PRO C 81 -7.10 23.53 -13.65
C PRO C 81 -6.50 22.40 -12.85
N GLU C 82 -7.01 22.12 -11.65
CA GLU C 82 -6.44 21.10 -10.79
C GLU C 82 -7.03 19.72 -11.02
N ASP C 83 -7.89 19.55 -12.03
CA ASP C 83 -8.52 18.27 -12.31
C ASP C 83 -7.83 17.50 -13.43
N PHE C 84 -6.64 17.93 -13.85
CA PHE C 84 -5.90 17.26 -14.91
C PHE C 84 -4.98 16.24 -14.27
N ALA C 85 -5.35 14.96 -14.38
CA ALA C 85 -4.60 13.88 -13.75
C ALA C 85 -4.93 12.58 -14.49
N VAL C 86 -4.62 11.45 -13.88
CA VAL C 86 -4.94 10.13 -14.42
C VAL C 86 -6.01 9.50 -13.53
N TYR C 87 -7.00 8.86 -14.15
CA TYR C 87 -8.13 8.28 -13.44
C TYR C 87 -8.20 6.78 -13.70
N TYR C 88 -8.31 6.01 -12.62
CA TYR C 88 -8.39 4.56 -12.69
C TYR C 88 -9.72 4.07 -12.17
N CYS C 89 -10.23 2.98 -12.76
CA CYS C 89 -11.45 2.33 -12.31
C CYS C 89 -11.13 0.93 -11.83
N GLN C 90 -11.62 0.56 -10.66
CA GLN C 90 -11.36 -0.74 -10.07
C GLN C 90 -12.65 -1.30 -9.48
N GLN C 91 -12.83 -2.61 -9.60
CA GLN C 91 -13.95 -3.31 -9.00
C GLN C 91 -13.43 -4.36 -8.02
N TYR C 92 -14.17 -4.56 -6.93
CA TYR C 92 -13.76 -5.49 -5.89
C TYR C 92 -14.87 -6.43 -5.43
N GLY C 93 -15.72 -6.90 -6.34
CA GLY C 93 -16.69 -7.91 -5.98
C GLY C 93 -16.12 -9.31 -6.00
N SER C 94 -15.36 -9.64 -7.05
CA SER C 94 -14.82 -10.99 -7.21
C SER C 94 -13.50 -11.15 -6.49
N SER C 95 -12.76 -12.23 -6.78
CA SER C 95 -11.52 -12.50 -6.08
C SER C 95 -10.33 -11.69 -6.61
N PRO C 96 -10.08 -11.62 -7.93
CA PRO C 96 -9.01 -10.72 -8.38
C PRO C 96 -9.52 -9.32 -8.67
N TRP C 97 -8.99 -8.32 -7.97
CA TRP C 97 -9.47 -6.95 -8.11
C TRP C 97 -8.60 -6.17 -9.10
N LEU C 98 -8.70 -6.55 -10.36
CA LEU C 98 -7.87 -5.94 -11.40
C LEU C 98 -8.25 -4.48 -11.61
N PHE C 99 -7.24 -3.66 -11.88
CA PHE C 99 -7.42 -2.25 -12.14
C PHE C 99 -7.66 -2.01 -13.63
N GLY C 100 -7.74 -0.75 -14.03
CA GLY C 100 -7.81 -0.39 -15.43
C GLY C 100 -6.50 0.21 -15.90
N GLN C 101 -6.38 0.31 -17.23
CA GLN C 101 -5.13 0.81 -17.80
C GLN C 101 -4.96 2.32 -17.63
N GLY C 102 -5.99 3.03 -17.21
CA GLY C 102 -5.82 4.45 -16.90
C GLY C 102 -6.09 5.35 -18.08
N THR C 103 -6.48 6.58 -17.78
CA THR C 103 -6.76 7.60 -18.77
C THR C 103 -6.12 8.90 -18.34
N LYS C 104 -5.39 9.54 -19.25
CA LYS C 104 -4.67 10.77 -18.96
C LYS C 104 -5.38 11.95 -19.59
N VAL C 105 -5.56 13.02 -18.80
CA VAL C 105 -6.24 14.24 -19.24
C VAL C 105 -5.22 15.36 -19.22
N GLU C 106 -5.07 16.04 -20.35
CA GLU C 106 -4.08 17.10 -20.50
C GLU C 106 -4.69 18.33 -21.14
N ILE C 107 -4.04 19.47 -20.95
CA ILE C 107 -4.51 20.73 -21.51
C ILE C 107 -4.32 20.71 -23.03
N LYS C 108 -5.29 21.27 -23.74
CA LYS C 108 -5.20 21.43 -25.19
C LYS C 108 -4.88 22.89 -25.51
N ARG C 109 -3.93 23.11 -26.41
CA ARG C 109 -3.54 24.45 -26.80
C ARG C 109 -3.12 24.41 -28.28
N THR C 110 -2.52 25.51 -28.74
CA THR C 110 -2.11 25.62 -30.12
C THR C 110 -0.86 24.78 -30.38
N VAL C 111 -0.67 24.42 -31.65
CA VAL C 111 0.49 23.64 -32.05
C VAL C 111 1.69 24.55 -32.18
N ALA C 112 2.79 24.15 -31.53
CA ALA C 112 4.03 24.94 -31.54
C ALA C 112 5.16 24.10 -32.10
N ALA C 113 5.96 24.70 -32.98
CA ALA C 113 7.07 23.99 -33.58
C ALA C 113 8.19 23.80 -32.56
N PRO C 114 8.91 22.68 -32.65
CA PRO C 114 9.99 22.41 -31.69
C PRO C 114 11.28 23.15 -32.07
N SER C 115 12.20 23.17 -31.11
CA SER C 115 13.53 23.73 -31.30
C SER C 115 14.55 22.61 -31.23
N VAL C 116 15.55 22.66 -32.11
CA VAL C 116 16.54 21.60 -32.25
C VAL C 116 17.91 22.16 -31.94
N PHE C 117 18.65 21.46 -31.07
CA PHE C 117 20.01 21.81 -30.72
C PHE C 117 20.88 20.56 -30.80
N ILE C 118 22.19 20.78 -30.90
CA ILE C 118 23.17 19.70 -30.89
C ILE C 118 24.32 20.09 -29.96
N PHE C 119 24.77 19.13 -29.15
CA PHE C 119 25.83 19.36 -28.17
C PHE C 119 26.98 18.39 -28.41
N PRO C 120 28.13 18.86 -28.87
CA PRO C 120 29.30 17.99 -29.03
C PRO C 120 29.82 17.51 -27.69
N PRO C 121 30.48 16.36 -27.65
CA PRO C 121 31.00 15.86 -26.37
C PRO C 121 32.15 16.71 -25.86
N SER C 122 32.32 16.70 -24.55
CA SER C 122 33.41 17.43 -23.91
C SER C 122 34.73 16.70 -24.09
N ASP C 123 35.82 17.47 -24.10
CA ASP C 123 37.15 16.88 -24.23
C ASP C 123 37.46 15.99 -23.02
N GLU C 124 37.06 16.43 -21.83
CA GLU C 124 37.24 15.60 -20.64
C GLU C 124 36.43 14.31 -20.71
N GLN C 125 35.33 14.28 -21.46
CA GLN C 125 34.62 13.03 -21.70
C GLN C 125 35.44 12.08 -22.56
N LEU C 126 36.34 12.60 -23.39
CA LEU C 126 37.17 11.74 -24.23
C LEU C 126 38.07 10.83 -23.41
N LYS C 127 38.51 11.30 -22.24
CA LYS C 127 39.44 10.52 -21.43
C LYS C 127 38.79 9.25 -20.89
N SER C 128 37.49 9.28 -20.59
CA SER C 128 36.83 8.11 -20.01
C SER C 128 36.64 6.99 -21.01
N GLY C 129 36.76 7.27 -22.32
CA GLY C 129 36.57 6.26 -23.32
C GLY C 129 35.16 6.14 -23.86
N THR C 130 34.30 7.12 -23.60
CA THR C 130 32.93 7.12 -24.09
C THR C 130 32.61 8.49 -24.68
N ALA C 131 31.80 8.50 -25.72
CA ALA C 131 31.35 9.73 -26.37
C ALA C 131 29.90 9.99 -26.02
N SER C 132 29.58 11.25 -25.72
CA SER C 132 28.24 11.65 -25.32
C SER C 132 27.80 12.80 -26.22
N VAL C 133 26.87 12.51 -27.14
CA VAL C 133 26.32 13.51 -28.04
C VAL C 133 24.83 13.61 -27.77
N VAL C 134 24.34 14.83 -27.61
CA VAL C 134 22.97 15.08 -27.19
C VAL C 134 22.27 15.94 -28.24
N CYS C 135 21.07 15.52 -28.64
CA CYS C 135 20.19 16.32 -29.48
C CYS C 135 18.97 16.70 -28.65
N LEU C 136 18.67 17.99 -28.62
CA LEU C 136 17.67 18.54 -27.71
C LEU C 136 16.46 19.05 -28.48
N LEU C 137 15.26 18.67 -28.02
CA LEU C 137 14.00 19.15 -28.57
C LEU C 137 13.29 19.97 -27.51
N ASN C 138 12.86 21.17 -27.88
CA ASN C 138 12.31 22.12 -26.92
C ASN C 138 11.01 22.72 -27.43
N ASN C 139 10.05 22.87 -26.52
CA ASN C 139 8.85 23.69 -26.72
C ASN C 139 8.04 23.22 -27.92
N PHE C 140 7.50 22.01 -27.81
CA PHE C 140 6.60 21.45 -28.82
C PHE C 140 5.38 20.88 -28.11
N TYR C 141 4.19 21.23 -28.61
CA TYR C 141 2.97 20.85 -27.90
C TYR C 141 2.57 19.39 -28.14
N PRO C 142 2.37 18.94 -29.38
CA PRO C 142 1.94 17.54 -29.55
C PRO C 142 2.96 16.57 -28.98
N ARG C 143 2.46 15.57 -28.25
CA ARG C 143 3.35 14.65 -27.56
C ARG C 143 4.15 13.82 -28.54
N GLU C 144 3.55 13.41 -29.65
CA GLU C 144 4.21 12.56 -30.62
C GLU C 144 5.34 13.32 -31.31
N ALA C 145 6.54 12.76 -31.28
CA ALA C 145 7.73 13.32 -31.91
C ALA C 145 8.83 12.27 -31.87
N LYS C 146 9.53 12.10 -32.98
CA LYS C 146 10.55 11.08 -33.08
C LYS C 146 11.82 11.66 -33.68
N VAL C 147 12.95 11.13 -33.24
CA VAL C 147 14.27 11.56 -33.68
C VAL C 147 15.07 10.33 -34.09
N GLN C 148 15.74 10.42 -35.24
CA GLN C 148 16.65 9.37 -35.69
C GLN C 148 18.06 9.93 -35.74
N TRP C 149 18.99 9.25 -35.06
CA TRP C 149 20.39 9.66 -35.10
C TRP C 149 21.03 9.13 -36.36
N LYS C 150 21.78 9.99 -37.04
CA LYS C 150 22.38 9.66 -38.33
C LYS C 150 23.89 9.90 -38.26
N VAL C 151 24.66 8.88 -38.60
CA VAL C 151 26.12 8.99 -38.65
C VAL C 151 26.59 8.57 -40.04
N ASP C 152 27.28 9.49 -40.72
CA ASP C 152 27.74 9.28 -42.09
C ASP C 152 26.63 8.71 -42.98
N ASN C 153 25.46 9.33 -42.89
CA ASN C 153 24.28 8.92 -43.64
C ASN C 153 23.87 7.49 -43.33
N ALA C 154 24.13 7.04 -42.11
CA ALA C 154 23.70 5.73 -41.64
C ALA C 154 23.00 5.89 -40.29
N LEU C 155 21.89 5.16 -40.13
CA LEU C 155 21.08 5.27 -38.93
C LEU C 155 21.62 4.31 -37.87
N GLN C 156 22.26 4.87 -36.85
CA GLN C 156 22.72 4.07 -35.72
C GLN C 156 21.58 3.86 -34.73
N SER C 157 21.60 2.69 -34.08
CA SER C 157 20.55 2.30 -33.14
C SER C 157 21.20 1.63 -31.95
N GLY C 158 20.39 1.43 -30.90
CA GLY C 158 20.85 0.81 -29.68
C GLY C 158 21.45 1.75 -28.66
N ASN C 159 21.59 3.03 -28.99
CA ASN C 159 22.17 4.02 -28.08
C ASN C 159 21.37 5.31 -28.13
N SER C 160 20.05 5.20 -28.09
CA SER C 160 19.18 6.37 -28.20
C SER C 160 18.17 6.41 -27.07
N GLN C 161 18.63 6.26 -25.82
CA GLN C 161 17.72 6.31 -24.69
C GLN C 161 16.98 7.64 -24.65
N GLU C 162 15.70 7.59 -24.31
CA GLU C 162 14.77 8.70 -24.49
C GLU C 162 14.32 9.22 -23.14
N SER C 163 14.11 10.53 -23.05
CA SER C 163 13.65 11.15 -21.81
C SER C 163 12.70 12.29 -22.13
N VAL C 164 11.53 12.29 -21.49
CA VAL C 164 10.49 13.28 -21.73
C VAL C 164 10.15 13.93 -20.40
N THR C 165 10.04 15.26 -20.41
CA THR C 165 9.60 15.97 -19.23
C THR C 165 8.07 15.99 -19.15
N GLU C 166 7.56 16.38 -17.99
CA GLU C 166 6.14 16.50 -17.78
C GLU C 166 5.61 17.80 -18.39
N GLN C 167 4.29 17.87 -18.55
CA GLN C 167 3.67 19.05 -19.14
C GLN C 167 3.94 20.28 -18.27
N ASP C 168 4.33 21.37 -18.93
CA ASP C 168 4.65 22.59 -18.22
C ASP C 168 3.37 23.29 -17.75
N SER C 169 3.53 24.23 -16.83
CA SER C 169 2.37 24.89 -16.24
C SER C 169 1.96 26.15 -16.99
N LYS C 170 2.90 27.05 -17.26
CA LYS C 170 2.55 28.36 -17.81
C LYS C 170 2.07 28.25 -19.25
N ASP C 171 2.64 27.33 -20.03
CA ASP C 171 2.33 27.22 -21.44
C ASP C 171 1.92 25.81 -21.84
N SER C 172 2.27 24.80 -21.04
CA SER C 172 1.93 23.40 -21.31
C SER C 172 2.54 22.94 -22.64
N THR C 173 3.87 22.97 -22.69
CA THR C 173 4.64 22.43 -23.80
C THR C 173 5.70 21.49 -23.25
N TYR C 174 6.05 20.49 -24.06
CA TYR C 174 6.96 19.44 -23.64
C TYR C 174 8.37 19.72 -24.15
N SER C 175 9.35 19.14 -23.44
CA SER C 175 10.75 19.25 -23.79
C SER C 175 11.33 17.84 -23.85
N LEU C 176 12.09 17.55 -24.91
CA LEU C 176 12.58 16.21 -25.18
C LEU C 176 14.10 16.20 -25.22
N SER C 177 14.69 15.16 -24.65
CA SER C 177 16.14 14.98 -24.65
C SER C 177 16.48 13.57 -25.11
N SER C 178 17.41 13.49 -26.06
CA SER C 178 17.93 12.21 -26.53
C SER C 178 19.44 12.24 -26.44
N THR C 179 20.02 11.25 -25.78
CA THR C 179 21.46 11.16 -25.58
C THR C 179 22.01 9.96 -26.35
N LEU C 180 23.03 10.21 -27.18
CA LEU C 180 23.66 9.16 -27.95
C LEU C 180 24.95 8.74 -27.22
N THR C 181 24.77 7.91 -26.20
CA THR C 181 25.89 7.41 -25.42
C THR C 181 26.66 6.44 -26.32
N LEU C 182 27.74 6.93 -26.92
CA LEU C 182 28.46 6.21 -27.96
C LEU C 182 29.86 5.88 -27.44
N SER C 183 30.33 4.68 -27.76
CA SER C 183 31.67 4.27 -27.37
C SER C 183 32.70 5.08 -28.15
N LYS C 184 33.90 5.17 -27.57
CA LYS C 184 34.98 5.94 -28.19
C LYS C 184 35.41 5.32 -29.52
N ALA C 185 35.34 4.00 -29.64
CA ALA C 185 35.88 3.32 -30.82
C ALA C 185 35.20 3.80 -32.09
N ASP C 186 33.88 3.96 -32.06
CA ASP C 186 33.18 4.38 -33.27
C ASP C 186 33.42 5.85 -33.55
N TYR C 187 33.81 6.62 -32.53
CA TYR C 187 33.92 8.06 -32.66
C TYR C 187 34.86 8.46 -33.79
N GLU C 188 36.08 7.92 -33.79
CA GLU C 188 37.06 8.39 -34.77
C GLU C 188 36.84 7.81 -36.16
N LYS C 189 36.32 6.59 -36.27
CA LYS C 189 36.18 5.99 -37.59
C LYS C 189 34.95 6.46 -38.33
N HIS C 190 34.29 7.52 -37.86
CA HIS C 190 33.22 8.17 -38.58
C HIS C 190 33.37 9.68 -38.47
N LYS C 191 32.77 10.39 -39.42
CA LYS C 191 32.99 11.83 -39.56
C LYS C 191 31.74 12.66 -39.31
N VAL C 192 30.65 12.39 -40.02
CA VAL C 192 29.47 13.26 -40.02
C VAL C 192 28.43 12.70 -39.05
N TYR C 193 27.96 13.54 -38.13
CA TYR C 193 26.93 13.19 -37.17
C TYR C 193 25.72 14.08 -37.38
N ALA C 194 24.52 13.52 -37.18
CA ALA C 194 23.31 14.28 -37.41
C ALA C 194 22.16 13.66 -36.63
N CYS C 195 21.23 14.51 -36.21
CA CYS C 195 19.96 14.07 -35.63
C CYS C 195 18.82 14.71 -36.40
N GLU C 196 17.96 13.88 -36.99
CA GLU C 196 16.83 14.32 -37.77
C GLU C 196 15.56 14.20 -36.94
N VAL C 197 14.69 15.22 -37.03
CA VAL C 197 13.47 15.29 -36.24
C VAL C 197 12.28 15.40 -37.18
N THR C 198 11.18 14.76 -36.79
CA THR C 198 9.91 14.88 -37.50
C THR C 198 8.83 15.20 -36.48
N HIS C 199 8.04 16.23 -36.76
CA HIS C 199 7.01 16.68 -35.82
C HIS C 199 5.77 17.08 -36.60
N GLN C 200 4.62 16.94 -35.94
CA GLN C 200 3.36 17.32 -36.57
C GLN C 200 3.32 18.80 -36.87
N GLY C 201 3.96 19.63 -36.05
CA GLY C 201 4.00 21.05 -36.25
C GLY C 201 4.97 21.54 -37.29
N LEU C 202 5.75 20.65 -37.90
CA LEU C 202 6.71 21.00 -38.93
C LEU C 202 6.23 20.45 -40.28
N SER C 203 6.25 21.30 -41.30
CA SER C 203 5.83 20.87 -42.62
C SER C 203 6.74 19.77 -43.17
N SER C 204 8.05 19.92 -42.96
CA SER C 204 9.02 18.92 -43.38
C SER C 204 9.97 18.64 -42.23
N PRO C 205 10.55 17.44 -42.19
CA PRO C 205 11.54 17.14 -41.16
C PRO C 205 12.74 18.06 -41.25
N VAL C 206 13.27 18.45 -40.10
CA VAL C 206 14.42 19.35 -40.00
C VAL C 206 15.63 18.52 -39.60
N THR C 207 16.68 18.59 -40.41
CA THR C 207 17.89 17.83 -40.19
C THR C 207 18.94 18.73 -39.56
N LYS C 208 19.40 18.38 -38.36
CA LYS C 208 20.49 19.06 -37.68
C LYS C 208 21.70 18.13 -37.70
N SER C 209 22.81 18.62 -38.22
CA SER C 209 24.00 17.81 -38.44
C SER C 209 25.21 18.46 -37.79
N PHE C 210 26.14 17.63 -37.35
CA PHE C 210 27.39 18.08 -36.76
C PHE C 210 28.56 17.33 -37.36
N ASN C 211 29.68 18.02 -37.52
CA ASN C 211 30.91 17.45 -38.02
C ASN C 211 32.03 17.65 -36.99
N ARG C 212 32.91 16.66 -36.90
CA ARG C 212 34.03 16.74 -35.97
C ARG C 212 35.21 17.53 -36.53
N GLY C 213 35.17 17.92 -37.80
CA GLY C 213 36.27 18.64 -38.40
C GLY C 213 36.44 20.06 -37.88
N GLU C 214 35.36 20.67 -37.41
CA GLU C 214 35.41 22.03 -36.89
C GLU C 214 35.55 22.07 -35.37
N CYS C 215 35.76 20.92 -34.73
CA CYS C 215 35.91 20.85 -33.30
C CYS C 215 37.18 21.57 -32.84
C1 NAG D . -10.50 -36.05 39.13
C2 NAG D . -10.89 -35.75 40.57
C3 NAG D . -9.68 -35.83 41.48
C4 NAG D . -8.95 -37.16 41.30
C5 NAG D . -8.63 -37.39 39.83
C6 NAG D . -8.03 -38.75 39.56
C7 NAG D . -12.37 -34.12 41.64
C8 NAG D . -12.91 -32.72 41.60
N2 NAG D . -11.52 -34.44 40.67
O3 NAG D . -10.08 -35.69 42.84
O4 NAG D . -7.73 -37.13 42.04
O5 NAG D . -9.86 -37.32 39.06
O6 NAG D . -9.02 -39.69 39.16
O7 NAG D . -12.68 -34.90 42.53
C1 NAG D . -7.76 -38.15 43.05
C2 NAG D . -6.32 -38.60 43.30
C3 NAG D . -6.29 -39.66 44.39
C4 NAG D . -6.96 -39.14 45.66
C5 NAG D . -8.37 -38.64 45.33
C6 NAG D . -9.05 -37.97 46.50
C7 NAG D . -4.88 -38.38 41.33
C8 NAG D . -4.36 -39.05 40.10
N2 NAG D . -5.72 -39.10 42.08
O3 NAG D . -4.93 -40.01 44.67
O4 NAG D . -7.06 -40.18 46.62
O5 NAG D . -8.32 -37.66 44.28
O6 NAG D . -8.57 -36.64 46.68
O7 NAG D . -4.58 -37.23 41.62
#